data_4OCB
# 
_entry.id   4OCB 
# 
_audit_conform.dict_name       mmcif_pdbx.dic 
_audit_conform.dict_version    5.387 
_audit_conform.dict_location   http://mmcif.pdb.org/dictionaries/ascii/mmcif_pdbx.dic 
# 
loop_
_database_2.database_id 
_database_2.database_code 
_database_2.pdbx_database_accession 
_database_2.pdbx_DOI 
PDB   4OCB         pdb_00004ocb 10.2210/pdb4ocb/pdb 
NDB   NA2855       ?            ?                   
RCSB  RCSB084312   ?            ?                   
WWPDB D_1000084312 ?            ?                   
# 
loop_
_pdbx_audit_revision_history.ordinal 
_pdbx_audit_revision_history.data_content_type 
_pdbx_audit_revision_history.major_revision 
_pdbx_audit_revision_history.minor_revision 
_pdbx_audit_revision_history.revision_date 
1 'Structure model' 1 0 2014-01-22 
2 'Structure model' 1 1 2014-07-16 
3 'Structure model' 1 2 2024-02-28 
# 
_pdbx_audit_revision_details.ordinal             1 
_pdbx_audit_revision_details.revision_ordinal    1 
_pdbx_audit_revision_details.data_content_type   'Structure model' 
_pdbx_audit_revision_details.provider            repository 
_pdbx_audit_revision_details.type                'Initial release' 
_pdbx_audit_revision_details.description         ? 
_pdbx_audit_revision_details.details             ? 
# 
loop_
_pdbx_audit_revision_group.ordinal 
_pdbx_audit_revision_group.revision_ordinal 
_pdbx_audit_revision_group.data_content_type 
_pdbx_audit_revision_group.group 
1 2 'Structure model' 'Database references' 
2 3 'Structure model' 'Data collection'     
3 3 'Structure model' 'Database references' 
# 
loop_
_pdbx_audit_revision_category.ordinal 
_pdbx_audit_revision_category.revision_ordinal 
_pdbx_audit_revision_category.data_content_type 
_pdbx_audit_revision_category.category 
1 3 'Structure model' chem_comp_atom 
2 3 'Structure model' chem_comp_bond 
3 3 'Structure model' database_2     
# 
loop_
_pdbx_audit_revision_item.ordinal 
_pdbx_audit_revision_item.revision_ordinal 
_pdbx_audit_revision_item.data_content_type 
_pdbx_audit_revision_item.item 
1 3 'Structure model' '_database_2.pdbx_DOI'                
2 3 'Structure model' '_database_2.pdbx_database_accession' 
# 
_database_PDB_caveat.id     1 
_database_PDB_caveat.text   'Atoms P, OP1 and OP2 of DC 3 A has occupancy 1.010' 
# 
_pdbx_database_status.status_code                     REL 
_pdbx_database_status.entry_id                        4OCB 
_pdbx_database_status.recvd_initial_deposition_date   2014-01-08 
_pdbx_database_status.deposit_site                    RCSB 
_pdbx_database_status.process_site                    RCSB 
_pdbx_database_status.status_code_sf                  REL 
_pdbx_database_status.status_code_mr                  ? 
_pdbx_database_status.SG_entry                        ? 
_pdbx_database_status.status_code_cs                  ? 
_pdbx_database_status.methods_development_category    ? 
_pdbx_database_status.pdb_format_compatible           Y 
_pdbx_database_status.status_code_nmr_data            ? 
# 
_pdbx_database_related.db_name        PDB 
_pdbx_database_related.db_id          3P4J 
_pdbx_database_related.details        'd(CGCGCG)2 duplex' 
_pdbx_database_related.content_type   unspecified 
# 
loop_
_audit_author.name 
_audit_author.pdbx_ordinal 
'Luo, Z.'    1 
'Dauter, M.' 2 
'Dauter, Z.' 3 
# 
_citation.id                        primary 
_citation.title                     
;Phosphates in the Z-DNA dodecamer are flexible, but their P-SAD  
signal is sufficient for structure solution
;
_citation.journal_abbrev            'Acta Crystallogr.,Sect.D' 
_citation.journal_volume            D70 
_citation.page_first                1790 
_citation.page_last                 1800 
_citation.year                      2014 
_citation.journal_id_ASTM           ABCRE6 
_citation.country                   DK 
_citation.journal_id_ISSN           0907-4449 
_citation.journal_id_CSD            0766 
_citation.book_publisher            ? 
_citation.pdbx_database_id_PubMed   25004957 
_citation.pdbx_database_id_DOI      10.1107/S1399004714004684 
# 
loop_
_citation_author.citation_id 
_citation_author.name 
_citation_author.ordinal 
_citation_author.identifier_ORCID 
primary 'Luo, Z.'    1 ? 
primary 'Dauter, M.' 2 ? 
primary 'Dauter, Z.' 3 ? 
# 
loop_
_entity.id 
_entity.type 
_entity.src_method 
_entity.pdbx_description 
_entity.formula_weight 
_entity.pdbx_number_of_molecules 
_entity.pdbx_ec 
_entity.pdbx_mutation 
_entity.pdbx_fragment 
_entity.details 
1 polymer syn 'd(CGCGCGCGCGCG)2 duplex' 3665.368 1  ? ? ? ? 
2 water   nat water                     18.015   80 ? ? ? ? 
# 
_entity_poly.entity_id                      1 
_entity_poly.type                           polydeoxyribonucleotide 
_entity_poly.nstd_linkage                   no 
_entity_poly.nstd_monomer                   no 
_entity_poly.pdbx_seq_one_letter_code       '(DC)(DG)(DC)(DG)(DC)(DG)(DC)(DG)(DC)(DG)(DC)(DG)' 
_entity_poly.pdbx_seq_one_letter_code_can   CGCGCGCGCGCG 
_entity_poly.pdbx_strand_id                 A 
_entity_poly.pdbx_target_identifier         ? 
# 
_pdbx_entity_nonpoly.entity_id   2 
_pdbx_entity_nonpoly.name        water 
_pdbx_entity_nonpoly.comp_id     HOH 
# 
loop_
_entity_poly_seq.entity_id 
_entity_poly_seq.num 
_entity_poly_seq.mon_id 
_entity_poly_seq.hetero 
1 1  DC n 
1 2  DG n 
1 3  DC n 
1 4  DG n 
1 5  DC n 
1 6  DG n 
1 7  DC n 
1 8  DG n 
1 9  DC n 
1 10 DG n 
1 11 DC n 
1 12 DG n 
# 
loop_
_chem_comp.id 
_chem_comp.type 
_chem_comp.mon_nstd_flag 
_chem_comp.name 
_chem_comp.pdbx_synonyms 
_chem_comp.formula 
_chem_comp.formula_weight 
DC  'DNA linking' y "2'-DEOXYCYTIDINE-5'-MONOPHOSPHATE"  ? 'C9 H14 N3 O7 P'  307.197 
DG  'DNA linking' y "2'-DEOXYGUANOSINE-5'-MONOPHOSPHATE" ? 'C10 H14 N5 O7 P' 347.221 
HOH non-polymer   . WATER                                ? 'H2 O'            18.015  
# 
loop_
_pdbx_poly_seq_scheme.asym_id 
_pdbx_poly_seq_scheme.entity_id 
_pdbx_poly_seq_scheme.seq_id 
_pdbx_poly_seq_scheme.mon_id 
_pdbx_poly_seq_scheme.ndb_seq_num 
_pdbx_poly_seq_scheme.pdb_seq_num 
_pdbx_poly_seq_scheme.auth_seq_num 
_pdbx_poly_seq_scheme.pdb_mon_id 
_pdbx_poly_seq_scheme.auth_mon_id 
_pdbx_poly_seq_scheme.pdb_strand_id 
_pdbx_poly_seq_scheme.pdb_ins_code 
_pdbx_poly_seq_scheme.hetero 
A 1 1  DC 1  1  1  DC DC A . n 
A 1 2  DG 2  2  2  DG DG A . n 
A 1 3  DC 3  3  3  DC DC A . n 
A 1 4  DG 4  4  4  DG DG A . n 
A 1 5  DC 5  5  5  DC DC A . n 
A 1 6  DG 6  6  6  DG DG A . n 
A 1 7  DC 7  7  7  DC DC A . n 
A 1 8  DG 8  8  8  DG DG A . n 
A 1 9  DC 9  9  9  DC DC A . n 
A 1 10 DG 10 10 10 DG DG A . n 
A 1 11 DC 11 11 11 DC DC A . n 
A 1 12 DG 12 12 12 DG DG A . n 
# 
loop_
_pdbx_nonpoly_scheme.asym_id 
_pdbx_nonpoly_scheme.entity_id 
_pdbx_nonpoly_scheme.mon_id 
_pdbx_nonpoly_scheme.ndb_seq_num 
_pdbx_nonpoly_scheme.pdb_seq_num 
_pdbx_nonpoly_scheme.auth_seq_num 
_pdbx_nonpoly_scheme.pdb_mon_id 
_pdbx_nonpoly_scheme.auth_mon_id 
_pdbx_nonpoly_scheme.pdb_strand_id 
_pdbx_nonpoly_scheme.pdb_ins_code 
B 2 HOH 1  101 101 HOH HOH A . 
B 2 HOH 2  102 102 HOH HOH A . 
B 2 HOH 3  103 103 HOH HOH A . 
B 2 HOH 4  104 104 HOH HOH A . 
B 2 HOH 5  105 105 HOH HOH A . 
B 2 HOH 6  106 106 HOH HOH A . 
B 2 HOH 7  107 107 HOH HOH A . 
B 2 HOH 8  108 108 HOH HOH A . 
B 2 HOH 9  109 109 HOH HOH A . 
B 2 HOH 10 110 110 HOH HOH A . 
B 2 HOH 11 111 111 HOH HOH A . 
B 2 HOH 12 112 112 HOH HOH A . 
B 2 HOH 13 113 113 HOH HOH A . 
B 2 HOH 14 114 114 HOH HOH A . 
B 2 HOH 15 115 115 HOH HOH A . 
B 2 HOH 16 116 116 HOH HOH A . 
B 2 HOH 17 117 117 HOH HOH A . 
B 2 HOH 18 118 118 HOH HOH A . 
B 2 HOH 19 119 119 HOH HOH A . 
B 2 HOH 20 120 120 HOH HOH A . 
B 2 HOH 21 121 121 HOH HOH A . 
B 2 HOH 22 122 122 HOH HOH A . 
B 2 HOH 23 123 123 HOH HOH A . 
B 2 HOH 24 124 124 HOH HOH A . 
B 2 HOH 25 125 125 HOH HOH A . 
B 2 HOH 26 126 126 HOH HOH A . 
B 2 HOH 27 127 127 HOH HOH A . 
B 2 HOH 28 128 128 HOH HOH A . 
B 2 HOH 29 129 129 HOH HOH A . 
B 2 HOH 30 130 130 HOH HOH A . 
B 2 HOH 31 131 131 HOH HOH A . 
B 2 HOH 32 132 132 HOH HOH A . 
B 2 HOH 33 133 133 HOH HOH A . 
B 2 HOH 34 134 134 HOH HOH A . 
B 2 HOH 35 135 135 HOH HOH A . 
B 2 HOH 36 136 136 HOH HOH A . 
B 2 HOH 37 137 137 HOH HOH A . 
B 2 HOH 38 138 138 HOH HOH A . 
B 2 HOH 39 139 139 HOH HOH A . 
B 2 HOH 40 140 140 HOH HOH A . 
B 2 HOH 41 141 141 HOH HOH A . 
B 2 HOH 42 142 142 HOH HOH A . 
B 2 HOH 43 143 143 HOH HOH A . 
B 2 HOH 44 144 144 HOH HOH A . 
B 2 HOH 45 145 145 HOH HOH A . 
B 2 HOH 46 146 146 HOH HOH A . 
B 2 HOH 47 147 147 HOH HOH A . 
B 2 HOH 48 148 148 HOH HOH A . 
B 2 HOH 49 149 149 HOH HOH A . 
B 2 HOH 50 150 150 HOH HOH A . 
B 2 HOH 51 151 151 HOH HOH A . 
B 2 HOH 52 152 152 HOH HOH A . 
B 2 HOH 53 153 153 HOH HOH A . 
B 2 HOH 54 154 154 HOH HOH A . 
B 2 HOH 55 155 155 HOH HOH A . 
B 2 HOH 56 156 156 HOH HOH A . 
B 2 HOH 57 157 157 HOH HOH A . 
B 2 HOH 58 158 158 HOH HOH A . 
B 2 HOH 59 159 159 HOH HOH A . 
B 2 HOH 60 160 160 HOH HOH A . 
B 2 HOH 61 161 161 HOH HOH A . 
B 2 HOH 62 162 162 HOH HOH A . 
B 2 HOH 63 163 163 HOH HOH A . 
B 2 HOH 64 164 164 HOH HOH A . 
B 2 HOH 65 165 165 HOH HOH A . 
B 2 HOH 66 166 166 HOH HOH A . 
B 2 HOH 67 167 167 HOH HOH A . 
B 2 HOH 68 168 168 HOH HOH A . 
B 2 HOH 69 169 169 HOH HOH A . 
B 2 HOH 70 170 170 HOH HOH A . 
B 2 HOH 71 171 171 HOH HOH A . 
B 2 HOH 72 172 172 HOH HOH A . 
B 2 HOH 73 173 173 HOH HOH A . 
B 2 HOH 74 174 174 HOH HOH A . 
B 2 HOH 75 175 175 HOH HOH A . 
B 2 HOH 76 176 176 HOH HOH A . 
B 2 HOH 77 177 177 HOH HOH A . 
B 2 HOH 78 178 178 HOH HOH A . 
B 2 HOH 79 179 179 HOH HOH A . 
B 2 HOH 80 180 180 HOH HOH A . 
# 
loop_
_software.name 
_software.classification 
_software.version 
_software.citation_id 
_software.pdbx_ordinal 
NE-CAT    'data collection' . ? 1 
SHELXD    phasing           . ? 2 
SHELXL-97 refinement        . ? 3 
HKL-2000  'data reduction'  . ? 4 
HKL-2000  'data scaling'    . ? 5 
# 
_cell.entry_id           4OCB 
_cell.length_a           48.484 
_cell.length_b           19.546 
_cell.length_c           31.224 
_cell.angle_alpha        90.00 
_cell.angle_beta         116.36 
_cell.angle_gamma        90.00 
_cell.Z_PDB              4 
_cell.pdbx_unique_axis   ? 
_cell.length_a_esd       ? 
_cell.length_b_esd       ? 
_cell.length_c_esd       ? 
_cell.angle_alpha_esd    ? 
_cell.angle_beta_esd     ? 
_cell.angle_gamma_esd    ? 
# 
_symmetry.entry_id                         4OCB 
_symmetry.space_group_name_H-M             'C 1 2 1' 
_symmetry.pdbx_full_space_group_name_H-M   ? 
_symmetry.cell_setting                     ? 
_symmetry.Int_Tables_number                5 
_symmetry.space_group_name_Hall            ? 
# 
_exptl.entry_id          4OCB 
_exptl.method            'X-RAY DIFFRACTION' 
_exptl.crystals_number   ? 
# 
_exptl_crystal.id                    1 
_exptl_crystal.density_meas          ? 
_exptl_crystal.density_Matthews      1.81 
_exptl_crystal.density_percent_sol   31.98 
_exptl_crystal.description           ? 
_exptl_crystal.F_000                 ? 
_exptl_crystal.preparation           ? 
# 
_exptl_crystal_grow.crystal_id      1 
_exptl_crystal_grow.method          'VAPOR DIFFUSION, HANGING DROP' 
_exptl_crystal_grow.temp            293 
_exptl_crystal_grow.temp_details    ? 
_exptl_crystal_grow.pH              7.0 
_exptl_crystal_grow.pdbx_details    
;2:1 mixture of 1.66 mM DNA solution with the following solution: 40mM Na cacodylate pH 7.0, 12 mM spermine tetrachloride, 80 mM NaCl, 10% (v/v) MPD. The well solution contained 35% MPD., VAPOR DIFFUSION, HANGING DROP, temperature 293K
;
_exptl_crystal_grow.pdbx_pH_range   ? 
# 
_diffrn.id                     1 
_diffrn.ambient_temp           ? 
_diffrn.ambient_temp_details   ? 
_diffrn.crystal_id             1 
# 
_diffrn_detector.diffrn_id              1 
_diffrn_detector.detector               PIXEL 
_diffrn_detector.type                   'DECTRIS PILATUS 6M-F' 
_diffrn_detector.pdbx_collection_date   2013-03-28 
_diffrn_detector.details                ? 
# 
_diffrn_radiation.diffrn_id                        1 
_diffrn_radiation.wavelength_id                    1 
_diffrn_radiation.pdbx_monochromatic_or_laue_m_l   M 
_diffrn_radiation.monochromator                    ? 
_diffrn_radiation.pdbx_diffrn_protocol             'SINGLE WAVELENGTH' 
_diffrn_radiation.pdbx_scattering_type             x-ray 
# 
_diffrn_radiation_wavelength.id           1 
_diffrn_radiation_wavelength.wavelength   0.6199 
_diffrn_radiation_wavelength.wt           1.0 
# 
_diffrn_source.diffrn_id                   1 
_diffrn_source.source                      SYNCHROTRON 
_diffrn_source.type                        'APS BEAMLINE 24-ID-C' 
_diffrn_source.pdbx_synchrotron_site       APS 
_diffrn_source.pdbx_synchrotron_beamline   24-ID-C 
_diffrn_source.pdbx_wavelength             ? 
_diffrn_source.pdbx_wavelength_list        0.6199 
# 
_reflns.entry_id                     4OCB 
_reflns.observed_criterion_sigma_I   0 
_reflns.observed_criterion_sigma_F   0 
_reflns.d_resolution_low             30 
_reflns.d_resolution_high            0.75 
_reflns.number_obs                   32210 
_reflns.number_all                   32210 
_reflns.percent_possible_obs         95.1 
_reflns.pdbx_Rmerge_I_obs            0.031 
_reflns.pdbx_Rsym_value              ? 
_reflns.pdbx_netI_over_sigmaI        84.7 
_reflns.B_iso_Wilson_estimate        6.9 
_reflns.pdbx_redundancy              13.5 
_reflns.R_free_details               ? 
_reflns.limit_h_max                  ? 
_reflns.limit_h_min                  ? 
_reflns.limit_k_max                  ? 
_reflns.limit_k_min                  ? 
_reflns.limit_l_max                  ? 
_reflns.limit_l_min                  ? 
_reflns.observed_criterion_F_max     ? 
_reflns.observed_criterion_F_min     ? 
_reflns.pdbx_chi_squared             ? 
_reflns.pdbx_scaling_rejects         ? 
_reflns.pdbx_ordinal                 1 
_reflns.pdbx_diffrn_id               1 
# 
_reflns_shell.d_res_high             0.75 
_reflns_shell.d_res_low              0.76 
_reflns_shell.percent_possible_all   92.2 
_reflns_shell.Rmerge_I_obs           0.734 
_reflns_shell.pdbx_Rsym_value        0.734 
_reflns_shell.meanI_over_sigI_obs    2.8 
_reflns_shell.pdbx_redundancy        7.6 
_reflns_shell.percent_possible_obs   ? 
_reflns_shell.number_unique_all      1525 
_reflns_shell.number_measured_all    ? 
_reflns_shell.number_measured_obs    ? 
_reflns_shell.number_unique_obs      ? 
_reflns_shell.pdbx_chi_squared       ? 
_reflns_shell.pdbx_ordinal           1 
_reflns_shell.pdbx_diffrn_id         1 
# 
_refine.entry_id                                 4OCB 
_refine.ls_number_reflns_obs                     32194 
_refine.ls_number_reflns_all                     32194 
_refine.pdbx_ls_sigma_I                          0.0 
_refine.pdbx_ls_sigma_F                          0.0 
_refine.pdbx_data_cutoff_high_absF               ? 
_refine.pdbx_data_cutoff_low_absF                ? 
_refine.pdbx_data_cutoff_high_rms_absF           ? 
_refine.ls_d_res_low                             30 
_refine.ls_d_res_high                            0.75 
_refine.ls_percent_reflns_obs                    ? 
_refine.ls_R_factor_obs                          0.122 
_refine.ls_R_factor_all                          0.122 
_refine.ls_R_factor_R_work                       0.122 
_refine.ls_R_factor_R_free                       0.134 
_refine.ls_R_factor_R_free_error                 ? 
_refine.ls_R_factor_R_free_error_details         ? 
_refine.ls_percent_reflns_R_free                 ? 
_refine.ls_number_reflns_R_free                  1601 
_refine.ls_number_parameters                     ? 
_refine.ls_number_restraints                     ? 
_refine.occupancy_min                            ? 
_refine.occupancy_max                            ? 
_refine.correlation_coeff_Fo_to_Fc               ? 
_refine.correlation_coeff_Fo_to_Fc_free          ? 
_refine.B_iso_mean                               ? 
_refine.aniso_B[1][1]                            ? 
_refine.aniso_B[2][2]                            ? 
_refine.aniso_B[3][3]                            ? 
_refine.aniso_B[1][2]                            ? 
_refine.aniso_B[1][3]                            ? 
_refine.aniso_B[2][3]                            ? 
_refine.solvent_model_details                    ? 
_refine.solvent_model_param_ksol                 ? 
_refine.solvent_model_param_bsol                 ? 
_refine.pdbx_solvent_vdw_probe_radii             ? 
_refine.pdbx_solvent_ion_probe_radii             ? 
_refine.pdbx_solvent_shrinkage_radii             ? 
_refine.pdbx_ls_cross_valid_method               ? 
_refine.details                                  ? 
_refine.pdbx_starting_model                      ? 
_refine.pdbx_method_to_determine_struct          SAD 
_refine.pdbx_isotropic_thermal_model             ? 
_refine.pdbx_stereochemistry_target_values       Parkinson 
_refine.pdbx_stereochem_target_val_spec_case     ? 
_refine.pdbx_R_Free_selection_details            Random 
_refine.pdbx_overall_ESU_R                       ? 
_refine.pdbx_overall_ESU_R_Free                  ? 
_refine.overall_SU_ML                            ? 
_refine.pdbx_overall_phase_error                 ? 
_refine.overall_SU_B                             ? 
_refine.overall_SU_R_Cruickshank_DPI             ? 
_refine.ls_redundancy_reflns_obs                 ? 
_refine.B_iso_min                                ? 
_refine.B_iso_max                                ? 
_refine.overall_SU_R_free                        ? 
_refine.ls_wR_factor_R_free                      ? 
_refine.ls_wR_factor_R_work                      ? 
_refine.overall_FOM_free_R_set                   ? 
_refine.overall_FOM_work_R_set                   ? 
_refine.pdbx_diffrn_id                           1 
_refine.pdbx_refine_id                           'X-RAY DIFFRACTION' 
_refine.pdbx_TLS_residual_ADP_flag               ? 
_refine.pdbx_overall_SU_R_free_Cruickshank_DPI   ? 
_refine.pdbx_overall_SU_R_Blow_DPI               ? 
_refine.pdbx_overall_SU_R_free_Blow_DPI          ? 
# 
_refine_hist.pdbx_refine_id                   'X-RAY DIFFRACTION' 
_refine_hist.cycle_id                         LAST 
_refine_hist.pdbx_number_atoms_protein        0 
_refine_hist.pdbx_number_atoms_nucleic_acid   243 
_refine_hist.pdbx_number_atoms_ligand         0 
_refine_hist.number_atoms_solvent             80 
_refine_hist.number_atoms_total               323 
_refine_hist.d_res_high                       0.75 
_refine_hist.d_res_low                        30 
# 
loop_
_refine_ls_restr.type 
_refine_ls_restr.dev_ideal 
_refine_ls_restr.dev_ideal_target 
_refine_ls_restr.weight 
_refine_ls_restr.number 
_refine_ls_restr.pdbx_restraint_function 
_refine_ls_restr.pdbx_refine_id 
s_bond_d              0.021 ? ? ? ? 'X-RAY DIFFRACTION' 
s_angle_d             0.050 ? ? ? ? 'X-RAY DIFFRACTION' 
s_anti_bump_dis_restr 0.029 ? ? ? ? 'X-RAY DIFFRACTION' 
# 
_struct.entry_id                  4OCB 
_struct.title                     'Z-DNA dodecamer d(CGCGCGCGCGCG)2 at 0.75 A resolution solved by P-SAD' 
_struct.pdbx_model_details        ? 
_struct.pdbx_CASP_flag            ? 
_struct.pdbx_model_type_details   ? 
# 
_struct_keywords.entry_id        4OCB 
_struct_keywords.pdbx_keywords   DNA 
_struct_keywords.text            'Z-DNA dodecamer duplex, DNA' 
# 
loop_
_struct_asym.id 
_struct_asym.pdbx_blank_PDB_chainid_flag 
_struct_asym.pdbx_modified 
_struct_asym.entity_id 
_struct_asym.details 
A N N 1 ? 
B N N 2 ? 
# 
_struct_ref.id                         1 
_struct_ref.db_name                    PDB 
_struct_ref.db_code                    4OCB 
_struct_ref.pdbx_db_accession          4OCB 
_struct_ref.entity_id                  1 
_struct_ref.pdbx_align_begin           ? 
_struct_ref.pdbx_seq_one_letter_code   CGCGCGCGCGCG 
_struct_ref.pdbx_db_isoform            ? 
# 
_struct_ref_seq.align_id                      1 
_struct_ref_seq.ref_id                        1 
_struct_ref_seq.pdbx_PDB_id_code              4OCB 
_struct_ref_seq.pdbx_strand_id                A 
_struct_ref_seq.seq_align_beg                 1 
_struct_ref_seq.pdbx_seq_align_beg_ins_code   ? 
_struct_ref_seq.seq_align_end                 12 
_struct_ref_seq.pdbx_seq_align_end_ins_code   ? 
_struct_ref_seq.pdbx_db_accession             4OCB 
_struct_ref_seq.db_align_beg                  1 
_struct_ref_seq.pdbx_db_align_beg_ins_code    ? 
_struct_ref_seq.db_align_end                  12 
_struct_ref_seq.pdbx_db_align_end_ins_code    ? 
_struct_ref_seq.pdbx_auth_seq_align_beg       1 
_struct_ref_seq.pdbx_auth_seq_align_end       12 
# 
_pdbx_struct_assembly.id                   1 
_pdbx_struct_assembly.details              author_and_software_defined_assembly 
_pdbx_struct_assembly.method_details       PISA 
_pdbx_struct_assembly.oligomeric_details   dimeric 
_pdbx_struct_assembly.oligomeric_count     2 
# 
loop_
_pdbx_struct_assembly_prop.biol_id 
_pdbx_struct_assembly_prop.type 
_pdbx_struct_assembly_prop.value 
_pdbx_struct_assembly_prop.details 
1 'ABSA (A^2)' 1270 ? 
1 MORE         -11  ? 
1 'SSA (A^2)'  4310 ? 
# 
_pdbx_struct_assembly_gen.assembly_id       1 
_pdbx_struct_assembly_gen.oper_expression   1,2 
_pdbx_struct_assembly_gen.asym_id_list      A,B 
# 
loop_
_pdbx_struct_oper_list.id 
_pdbx_struct_oper_list.type 
_pdbx_struct_oper_list.name 
_pdbx_struct_oper_list.symmetry_operation 
_pdbx_struct_oper_list.matrix[1][1] 
_pdbx_struct_oper_list.matrix[1][2] 
_pdbx_struct_oper_list.matrix[1][3] 
_pdbx_struct_oper_list.vector[1] 
_pdbx_struct_oper_list.matrix[2][1] 
_pdbx_struct_oper_list.matrix[2][2] 
_pdbx_struct_oper_list.matrix[2][3] 
_pdbx_struct_oper_list.vector[2] 
_pdbx_struct_oper_list.matrix[3][1] 
_pdbx_struct_oper_list.matrix[3][2] 
_pdbx_struct_oper_list.matrix[3][3] 
_pdbx_struct_oper_list.vector[3] 
1 'identity operation'         1_555 x,y,z       1.0000000000  0.0000000000  0.0000000000  0.0000000000 0.0000000000  1.0000000000 0.0000000000 0.0000000000  0.0000000000  0.0000000000 1.0000000000  0.0000000000 
2 'crystal symmetry operation' 2_656 -x+1,y,-z+1 -0.9770655712 -0.1979336766 -0.0785183368 0.8208057876 -0.1979336766 0.7082501029 0.6776459632 -0.1902837687 -0.0785183368 0.6776459632 -0.7311845317 0.7194278447 
# 
_struct_biol.id        1 
_struct_biol.details   ? 
# 
loop_
_struct_conn.id 
_struct_conn.conn_type_id 
_struct_conn.pdbx_leaving_atom_flag 
_struct_conn.pdbx_PDB_id 
_struct_conn.ptnr1_label_asym_id 
_struct_conn.ptnr1_label_comp_id 
_struct_conn.ptnr1_label_seq_id 
_struct_conn.ptnr1_label_atom_id 
_struct_conn.pdbx_ptnr1_label_alt_id 
_struct_conn.pdbx_ptnr1_PDB_ins_code 
_struct_conn.pdbx_ptnr1_standard_comp_id 
_struct_conn.ptnr1_symmetry 
_struct_conn.ptnr2_label_asym_id 
_struct_conn.ptnr2_label_comp_id 
_struct_conn.ptnr2_label_seq_id 
_struct_conn.ptnr2_label_atom_id 
_struct_conn.pdbx_ptnr2_label_alt_id 
_struct_conn.pdbx_ptnr2_PDB_ins_code 
_struct_conn.ptnr1_auth_asym_id 
_struct_conn.ptnr1_auth_comp_id 
_struct_conn.ptnr1_auth_seq_id 
_struct_conn.ptnr2_auth_asym_id 
_struct_conn.ptnr2_auth_comp_id 
_struct_conn.ptnr2_auth_seq_id 
_struct_conn.ptnr2_symmetry 
_struct_conn.pdbx_ptnr3_label_atom_id 
_struct_conn.pdbx_ptnr3_label_seq_id 
_struct_conn.pdbx_ptnr3_label_comp_id 
_struct_conn.pdbx_ptnr3_label_asym_id 
_struct_conn.pdbx_ptnr3_label_alt_id 
_struct_conn.pdbx_ptnr3_PDB_ins_code 
_struct_conn.details 
_struct_conn.pdbx_dist_value 
_struct_conn.pdbx_value_order 
_struct_conn.pdbx_role 
hydrog1  hydrog ? ? A DC 1  N3 ? ? ? 1_555 A DG 12 N1 ? ? A DC 1  A DG 12 2_656 ? ? ? ? ? ? WATSON-CRICK ? ? ? 
hydrog2  hydrog ? ? A DC 1  N4 ? ? ? 1_555 A DG 12 O6 ? ? A DC 1  A DG 12 2_656 ? ? ? ? ? ? WATSON-CRICK ? ? ? 
hydrog3  hydrog ? ? A DC 1  O2 ? ? ? 1_555 A DG 12 N2 ? ? A DC 1  A DG 12 2_656 ? ? ? ? ? ? WATSON-CRICK ? ? ? 
hydrog4  hydrog ? ? A DG 2  N1 ? ? ? 1_555 A DC 11 N3 ? ? A DG 2  A DC 11 2_656 ? ? ? ? ? ? WATSON-CRICK ? ? ? 
hydrog5  hydrog ? ? A DG 2  N2 ? ? ? 1_555 A DC 11 O2 ? ? A DG 2  A DC 11 2_656 ? ? ? ? ? ? WATSON-CRICK ? ? ? 
hydrog6  hydrog ? ? A DG 2  O6 ? ? ? 1_555 A DC 11 N4 ? ? A DG 2  A DC 11 2_656 ? ? ? ? ? ? WATSON-CRICK ? ? ? 
hydrog7  hydrog ? ? A DC 3  N3 ? ? ? 1_555 A DG 10 N1 ? ? A DC 3  A DG 10 2_656 ? ? ? ? ? ? WATSON-CRICK ? ? ? 
hydrog8  hydrog ? ? A DC 3  N4 ? ? ? 1_555 A DG 10 O6 ? ? A DC 3  A DG 10 2_656 ? ? ? ? ? ? WATSON-CRICK ? ? ? 
hydrog9  hydrog ? ? A DC 3  O2 ? ? ? 1_555 A DG 10 N2 ? ? A DC 3  A DG 10 2_656 ? ? ? ? ? ? WATSON-CRICK ? ? ? 
hydrog10 hydrog ? ? A DG 4  N1 ? ? ? 1_555 A DC 9  N3 ? ? A DG 4  A DC 9  2_656 ? ? ? ? ? ? WATSON-CRICK ? ? ? 
hydrog11 hydrog ? ? A DG 4  N2 ? ? ? 1_555 A DC 9  O2 ? ? A DG 4  A DC 9  2_656 ? ? ? ? ? ? WATSON-CRICK ? ? ? 
hydrog12 hydrog ? ? A DG 4  O6 ? ? ? 1_555 A DC 9  N4 ? ? A DG 4  A DC 9  2_656 ? ? ? ? ? ? WATSON-CRICK ? ? ? 
hydrog13 hydrog ? ? A DC 5  N3 ? ? ? 1_555 A DG 8  N1 ? ? A DC 5  A DG 8  2_656 ? ? ? ? ? ? WATSON-CRICK ? ? ? 
hydrog14 hydrog ? ? A DC 5  N4 ? ? ? 1_555 A DG 8  O6 ? ? A DC 5  A DG 8  2_656 ? ? ? ? ? ? WATSON-CRICK ? ? ? 
hydrog15 hydrog ? ? A DC 5  O2 ? ? ? 1_555 A DG 8  N2 ? ? A DC 5  A DG 8  2_656 ? ? ? ? ? ? WATSON-CRICK ? ? ? 
hydrog16 hydrog ? ? A DG 6  N1 ? ? ? 1_555 A DC 7  N3 ? ? A DG 6  A DC 7  2_656 ? ? ? ? ? ? WATSON-CRICK ? ? ? 
hydrog17 hydrog ? ? A DG 6  N2 ? ? ? 1_555 A DC 7  O2 ? ? A DG 6  A DC 7  2_656 ? ? ? ? ? ? WATSON-CRICK ? ? ? 
hydrog18 hydrog ? ? A DG 6  O6 ? ? ? 1_555 A DC 7  N4 ? ? A DG 6  A DC 7  2_656 ? ? ? ? ? ? WATSON-CRICK ? ? ? 
hydrog19 hydrog ? ? A DC 7  N3 ? ? ? 1_555 A DG 6  N1 ? ? A DC 7  A DG 6  2_656 ? ? ? ? ? ? WATSON-CRICK ? ? ? 
hydrog20 hydrog ? ? A DC 7  N4 ? ? ? 1_555 A DG 6  O6 ? ? A DC 7  A DG 6  2_656 ? ? ? ? ? ? WATSON-CRICK ? ? ? 
hydrog21 hydrog ? ? A DC 7  O2 ? ? ? 1_555 A DG 6  N2 ? ? A DC 7  A DG 6  2_656 ? ? ? ? ? ? WATSON-CRICK ? ? ? 
hydrog22 hydrog ? ? A DG 8  N1 ? ? ? 1_555 A DC 5  N3 ? ? A DG 8  A DC 5  2_656 ? ? ? ? ? ? WATSON-CRICK ? ? ? 
hydrog23 hydrog ? ? A DG 8  N2 ? ? ? 1_555 A DC 5  O2 ? ? A DG 8  A DC 5  2_656 ? ? ? ? ? ? WATSON-CRICK ? ? ? 
hydrog24 hydrog ? ? A DG 8  O6 ? ? ? 1_555 A DC 5  N4 ? ? A DG 8  A DC 5  2_656 ? ? ? ? ? ? WATSON-CRICK ? ? ? 
hydrog25 hydrog ? ? A DC 9  N3 ? ? ? 1_555 A DG 4  N1 ? ? A DC 9  A DG 4  2_656 ? ? ? ? ? ? WATSON-CRICK ? ? ? 
hydrog26 hydrog ? ? A DC 9  N4 ? ? ? 1_555 A DG 4  O6 ? ? A DC 9  A DG 4  2_656 ? ? ? ? ? ? WATSON-CRICK ? ? ? 
hydrog27 hydrog ? ? A DC 9  O2 ? ? ? 1_555 A DG 4  N2 ? ? A DC 9  A DG 4  2_656 ? ? ? ? ? ? WATSON-CRICK ? ? ? 
hydrog28 hydrog ? ? A DG 10 N1 ? ? ? 1_555 A DC 3  N3 ? ? A DG 10 A DC 3  2_656 ? ? ? ? ? ? WATSON-CRICK ? ? ? 
hydrog29 hydrog ? ? A DG 10 N2 ? ? ? 1_555 A DC 3  O2 ? ? A DG 10 A DC 3  2_656 ? ? ? ? ? ? WATSON-CRICK ? ? ? 
hydrog30 hydrog ? ? A DG 10 O6 ? ? ? 1_555 A DC 3  N4 ? ? A DG 10 A DC 3  2_656 ? ? ? ? ? ? WATSON-CRICK ? ? ? 
hydrog31 hydrog ? ? A DC 11 N3 ? ? ? 1_555 A DG 2  N1 ? ? A DC 11 A DG 2  2_656 ? ? ? ? ? ? WATSON-CRICK ? ? ? 
hydrog32 hydrog ? ? A DC 11 N4 ? ? ? 1_555 A DG 2  O6 ? ? A DC 11 A DG 2  2_656 ? ? ? ? ? ? WATSON-CRICK ? ? ? 
hydrog33 hydrog ? ? A DC 11 O2 ? ? ? 1_555 A DG 2  N2 ? ? A DC 11 A DG 2  2_656 ? ? ? ? ? ? WATSON-CRICK ? ? ? 
hydrog34 hydrog ? ? A DG 12 N1 ? ? ? 1_555 A DC 1  N3 ? ? A DG 12 A DC 1  2_656 ? ? ? ? ? ? WATSON-CRICK ? ? ? 
hydrog35 hydrog ? ? A DG 12 N2 ? ? ? 1_555 A DC 1  O2 ? ? A DG 12 A DC 1  2_656 ? ? ? ? ? ? WATSON-CRICK ? ? ? 
hydrog36 hydrog ? ? A DG 12 O6 ? ? ? 1_555 A DC 1  N4 ? ? A DG 12 A DC 1  2_656 ? ? ? ? ? ? WATSON-CRICK ? ? ? 
# 
_struct_conn_type.id          hydrog 
_struct_conn_type.criteria    ? 
_struct_conn_type.reference   ? 
# 
loop_
_pdbx_validate_rmsd_bond.id 
_pdbx_validate_rmsd_bond.PDB_model_num 
_pdbx_validate_rmsd_bond.auth_atom_id_1 
_pdbx_validate_rmsd_bond.auth_asym_id_1 
_pdbx_validate_rmsd_bond.auth_comp_id_1 
_pdbx_validate_rmsd_bond.auth_seq_id_1 
_pdbx_validate_rmsd_bond.PDB_ins_code_1 
_pdbx_validate_rmsd_bond.label_alt_id_1 
_pdbx_validate_rmsd_bond.auth_atom_id_2 
_pdbx_validate_rmsd_bond.auth_asym_id_2 
_pdbx_validate_rmsd_bond.auth_comp_id_2 
_pdbx_validate_rmsd_bond.auth_seq_id_2 
_pdbx_validate_rmsd_bond.PDB_ins_code_2 
_pdbx_validate_rmsd_bond.label_alt_id_2 
_pdbx_validate_rmsd_bond.bond_value 
_pdbx_validate_rmsd_bond.bond_target_value 
_pdbx_validate_rmsd_bond.bond_deviation 
_pdbx_validate_rmsd_bond.bond_standard_deviation 
_pdbx_validate_rmsd_bond.linker_flag 
1 1 "O3'" A DC 7  ? ? P     A DG 8  ? B 1.463 1.607 -0.144 0.012 Y 
2 1 "O3'" A DC 11 ? A "C3'" A DC 11 ? ? 1.366 1.419 -0.053 0.006 N 
3 1 "O3'" A DC 11 ? B "C3'" A DC 11 ? ? 1.525 1.435 0.090  0.013 N 
4 1 "C1'" A DG 12 ? A N9    A DG 12 ? ? 1.362 1.468 -0.106 0.014 N 
5 1 N7    A DG 12 ? ? C8    A DG 12 ? ? 1.255 1.305 -0.050 0.006 N 
# 
loop_
_pdbx_validate_rmsd_angle.id 
_pdbx_validate_rmsd_angle.PDB_model_num 
_pdbx_validate_rmsd_angle.auth_atom_id_1 
_pdbx_validate_rmsd_angle.auth_asym_id_1 
_pdbx_validate_rmsd_angle.auth_comp_id_1 
_pdbx_validate_rmsd_angle.auth_seq_id_1 
_pdbx_validate_rmsd_angle.PDB_ins_code_1 
_pdbx_validate_rmsd_angle.label_alt_id_1 
_pdbx_validate_rmsd_angle.auth_atom_id_2 
_pdbx_validate_rmsd_angle.auth_asym_id_2 
_pdbx_validate_rmsd_angle.auth_comp_id_2 
_pdbx_validate_rmsd_angle.auth_seq_id_2 
_pdbx_validate_rmsd_angle.PDB_ins_code_2 
_pdbx_validate_rmsd_angle.label_alt_id_2 
_pdbx_validate_rmsd_angle.auth_atom_id_3 
_pdbx_validate_rmsd_angle.auth_asym_id_3 
_pdbx_validate_rmsd_angle.auth_comp_id_3 
_pdbx_validate_rmsd_angle.auth_seq_id_3 
_pdbx_validate_rmsd_angle.PDB_ins_code_3 
_pdbx_validate_rmsd_angle.label_alt_id_3 
_pdbx_validate_rmsd_angle.angle_value 
_pdbx_validate_rmsd_angle.angle_target_value 
_pdbx_validate_rmsd_angle.angle_deviation 
_pdbx_validate_rmsd_angle.angle_standard_deviation 
_pdbx_validate_rmsd_angle.linker_flag 
1  1 "C2'" A DG 4  ? ? "C3'" A DG 4  ? ? "O3'" A DG 4  ? B 87.63  109.40 -21.77 2.50 N 
2  1 C5    A DG 4  ? ? N7    A DG 4  ? ? C8    A DG 4  ? ? 101.22 104.30 -3.08  0.50 N 
3  1 "O3'" A DG 4  ? B P     A DC 5  ? B OP1   A DC 5  ? B 117.96 110.50 7.46   1.10 Y 
4  1 "C3'" A DC 7  ? ? "O3'" A DC 7  ? ? P     A DG 8  ? B 136.26 119.70 16.56  1.20 Y 
5  1 "O5'" A DG 8  ? ? P     A DG 8  ? B OP1   A DG 8  ? B 96.88  105.70 -8.82  0.90 N 
6  1 P     A DG 8  ? B "O5'" A DG 8  ? ? "C5'" A DG 8  ? ? 105.02 120.90 -15.88 1.60 N 
7  1 C4    A DG 10 ? ? C5    A DG 10 ? ? N7    A DG 10 ? ? 113.39 110.80 2.59   0.40 N 
8  1 "C3'" A DG 10 ? ? "O3'" A DG 10 ? ? P     A DC 11 ? B 128.04 119.70 8.34   1.20 Y 
9  1 P     A DG 12 ? B "O5'" A DG 12 ? B "C5'" A DG 12 ? B 102.50 120.90 -18.40 1.60 N 
10 1 "O4'" A DG 12 ? B "C4'" A DG 12 ? B "C3'" A DG 12 ? B 101.99 104.50 -2.51  0.40 N 
11 1 "O4'" A DG 12 ? A "C1'" A DG 12 ? A "C2'" A DG 12 ? A 110.05 106.80 3.25   0.50 N 
# 
loop_
_chem_comp_atom.comp_id 
_chem_comp_atom.atom_id 
_chem_comp_atom.type_symbol 
_chem_comp_atom.pdbx_aromatic_flag 
_chem_comp_atom.pdbx_stereo_config 
_chem_comp_atom.pdbx_ordinal 
DC  OP3    O N N 1  
DC  P      P N N 2  
DC  OP1    O N N 3  
DC  OP2    O N N 4  
DC  "O5'"  O N N 5  
DC  "C5'"  C N N 6  
DC  "C4'"  C N R 7  
DC  "O4'"  O N N 8  
DC  "C3'"  C N S 9  
DC  "O3'"  O N N 10 
DC  "C2'"  C N N 11 
DC  "C1'"  C N R 12 
DC  N1     N N N 13 
DC  C2     C N N 14 
DC  O2     O N N 15 
DC  N3     N N N 16 
DC  C4     C N N 17 
DC  N4     N N N 18 
DC  C5     C N N 19 
DC  C6     C N N 20 
DC  HOP3   H N N 21 
DC  HOP2   H N N 22 
DC  "H5'"  H N N 23 
DC  "H5''" H N N 24 
DC  "H4'"  H N N 25 
DC  "H3'"  H N N 26 
DC  "HO3'" H N N 27 
DC  "H2'"  H N N 28 
DC  "H2''" H N N 29 
DC  "H1'"  H N N 30 
DC  H41    H N N 31 
DC  H42    H N N 32 
DC  H5     H N N 33 
DC  H6     H N N 34 
DG  OP3    O N N 35 
DG  P      P N N 36 
DG  OP1    O N N 37 
DG  OP2    O N N 38 
DG  "O5'"  O N N 39 
DG  "C5'"  C N N 40 
DG  "C4'"  C N R 41 
DG  "O4'"  O N N 42 
DG  "C3'"  C N S 43 
DG  "O3'"  O N N 44 
DG  "C2'"  C N N 45 
DG  "C1'"  C N R 46 
DG  N9     N Y N 47 
DG  C8     C Y N 48 
DG  N7     N Y N 49 
DG  C5     C Y N 50 
DG  C6     C N N 51 
DG  O6     O N N 52 
DG  N1     N N N 53 
DG  C2     C N N 54 
DG  N2     N N N 55 
DG  N3     N N N 56 
DG  C4     C Y N 57 
DG  HOP3   H N N 58 
DG  HOP2   H N N 59 
DG  "H5'"  H N N 60 
DG  "H5''" H N N 61 
DG  "H4'"  H N N 62 
DG  "H3'"  H N N 63 
DG  "HO3'" H N N 64 
DG  "H2'"  H N N 65 
DG  "H2''" H N N 66 
DG  "H1'"  H N N 67 
DG  H8     H N N 68 
DG  H1     H N N 69 
DG  H21    H N N 70 
DG  H22    H N N 71 
HOH O      O N N 72 
HOH H1     H N N 73 
HOH H2     H N N 74 
# 
loop_
_chem_comp_bond.comp_id 
_chem_comp_bond.atom_id_1 
_chem_comp_bond.atom_id_2 
_chem_comp_bond.value_order 
_chem_comp_bond.pdbx_aromatic_flag 
_chem_comp_bond.pdbx_stereo_config 
_chem_comp_bond.pdbx_ordinal 
DC  OP3   P      sing N N 1  
DC  OP3   HOP3   sing N N 2  
DC  P     OP1    doub N N 3  
DC  P     OP2    sing N N 4  
DC  P     "O5'"  sing N N 5  
DC  OP2   HOP2   sing N N 6  
DC  "O5'" "C5'"  sing N N 7  
DC  "C5'" "C4'"  sing N N 8  
DC  "C5'" "H5'"  sing N N 9  
DC  "C5'" "H5''" sing N N 10 
DC  "C4'" "O4'"  sing N N 11 
DC  "C4'" "C3'"  sing N N 12 
DC  "C4'" "H4'"  sing N N 13 
DC  "O4'" "C1'"  sing N N 14 
DC  "C3'" "O3'"  sing N N 15 
DC  "C3'" "C2'"  sing N N 16 
DC  "C3'" "H3'"  sing N N 17 
DC  "O3'" "HO3'" sing N N 18 
DC  "C2'" "C1'"  sing N N 19 
DC  "C2'" "H2'"  sing N N 20 
DC  "C2'" "H2''" sing N N 21 
DC  "C1'" N1     sing N N 22 
DC  "C1'" "H1'"  sing N N 23 
DC  N1    C2     sing N N 24 
DC  N1    C6     sing N N 25 
DC  C2    O2     doub N N 26 
DC  C2    N3     sing N N 27 
DC  N3    C4     doub N N 28 
DC  C4    N4     sing N N 29 
DC  C4    C5     sing N N 30 
DC  N4    H41    sing N N 31 
DC  N4    H42    sing N N 32 
DC  C5    C6     doub N N 33 
DC  C5    H5     sing N N 34 
DC  C6    H6     sing N N 35 
DG  OP3   P      sing N N 36 
DG  OP3   HOP3   sing N N 37 
DG  P     OP1    doub N N 38 
DG  P     OP2    sing N N 39 
DG  P     "O5'"  sing N N 40 
DG  OP2   HOP2   sing N N 41 
DG  "O5'" "C5'"  sing N N 42 
DG  "C5'" "C4'"  sing N N 43 
DG  "C5'" "H5'"  sing N N 44 
DG  "C5'" "H5''" sing N N 45 
DG  "C4'" "O4'"  sing N N 46 
DG  "C4'" "C3'"  sing N N 47 
DG  "C4'" "H4'"  sing N N 48 
DG  "O4'" "C1'"  sing N N 49 
DG  "C3'" "O3'"  sing N N 50 
DG  "C3'" "C2'"  sing N N 51 
DG  "C3'" "H3'"  sing N N 52 
DG  "O3'" "HO3'" sing N N 53 
DG  "C2'" "C1'"  sing N N 54 
DG  "C2'" "H2'"  sing N N 55 
DG  "C2'" "H2''" sing N N 56 
DG  "C1'" N9     sing N N 57 
DG  "C1'" "H1'"  sing N N 58 
DG  N9    C8     sing Y N 59 
DG  N9    C4     sing Y N 60 
DG  C8    N7     doub Y N 61 
DG  C8    H8     sing N N 62 
DG  N7    C5     sing Y N 63 
DG  C5    C6     sing N N 64 
DG  C5    C4     doub Y N 65 
DG  C6    O6     doub N N 66 
DG  C6    N1     sing N N 67 
DG  N1    C2     sing N N 68 
DG  N1    H1     sing N N 69 
DG  C2    N2     sing N N 70 
DG  C2    N3     doub N N 71 
DG  N2    H21    sing N N 72 
DG  N2    H22    sing N N 73 
DG  N3    C4     sing N N 74 
HOH O     H1     sing N N 75 
HOH O     H2     sing N N 76 
# 
_ndb_struct_conf_na.entry_id   4OCB 
_ndb_struct_conf_na.feature    'z-form double helix' 
# 
loop_
_ndb_struct_na_base_pair.model_number 
_ndb_struct_na_base_pair.i_label_asym_id 
_ndb_struct_na_base_pair.i_label_comp_id 
_ndb_struct_na_base_pair.i_label_seq_id 
_ndb_struct_na_base_pair.i_symmetry 
_ndb_struct_na_base_pair.j_label_asym_id 
_ndb_struct_na_base_pair.j_label_comp_id 
_ndb_struct_na_base_pair.j_label_seq_id 
_ndb_struct_na_base_pair.j_symmetry 
_ndb_struct_na_base_pair.shear 
_ndb_struct_na_base_pair.stretch 
_ndb_struct_na_base_pair.stagger 
_ndb_struct_na_base_pair.buckle 
_ndb_struct_na_base_pair.propeller 
_ndb_struct_na_base_pair.opening 
_ndb_struct_na_base_pair.pair_number 
_ndb_struct_na_base_pair.pair_name 
_ndb_struct_na_base_pair.i_auth_asym_id 
_ndb_struct_na_base_pair.i_auth_seq_id 
_ndb_struct_na_base_pair.i_PDB_ins_code 
_ndb_struct_na_base_pair.j_auth_asym_id 
_ndb_struct_na_base_pair.j_auth_seq_id 
_ndb_struct_na_base_pair.j_PDB_ins_code 
_ndb_struct_na_base_pair.hbond_type_28 
_ndb_struct_na_base_pair.hbond_type_12 
1 A DC 1  1_555 A DG 12 2_656 -0.241 -0.121 0.107 -2.436  1.338  1.794 1  A_DC1:DG12_A A 1  ? A 12 ? 19 1 
1 A DG 2  1_555 A DC 11 2_656 0.288  -0.150 0.003 0.760   0.015  1.950 2  A_DG2:DC11_A A 2  ? A 11 ? 19 1 
1 A DC 3  1_555 A DG 10 2_656 -0.230 -0.126 0.028 3.864   -2.647 0.427 3  A_DC3:DG10_A A 3  ? A 10 ? 19 1 
1 A DG 4  1_555 A DC 9  2_656 0.379  -0.182 0.053 -0.917  -3.512 0.477 4  A_DG4:DC9_A  A 4  ? A 9  ? 19 1 
1 A DC 5  1_555 A DG 8  2_656 -0.291 -0.114 0.074 10.090  -3.459 0.009 5  A_DC5:DG8_A  A 5  ? A 8  ? 19 1 
1 A DG 6  1_555 A DC 7  2_656 0.217  -0.151 0.119 -10.347 -5.367 1.971 6  A_DG6:DC7_A  A 6  ? A 7  ? 19 1 
1 A DC 7  1_555 A DG 6  2_656 -0.217 -0.151 0.119 10.347  -5.367 1.971 7  A_DC7:DG6_A  A 7  ? A 6  ? 19 1 
1 A DG 8  1_555 A DC 5  2_656 0.291  -0.114 0.074 -10.090 -3.459 0.009 8  A_DG8:DC5_A  A 8  ? A 5  ? 19 1 
1 A DC 9  1_555 A DG 4  2_656 -0.379 -0.182 0.053 0.917   -3.512 0.477 9  A_DC9:DG4_A  A 9  ? A 4  ? 19 1 
1 A DG 10 1_555 A DC 3  2_656 0.230  -0.126 0.028 -3.864  -2.646 0.427 10 A_DG10:DC3_A A 10 ? A 3  ? 19 1 
1 A DC 11 1_555 A DG 2  2_656 -0.288 -0.150 0.003 -0.759  0.015  1.950 11 A_DC11:DG2_A A 11 ? A 2  ? 19 1 
1 A DG 12 1_555 A DC 1  2_656 0.241  -0.121 0.107 2.436   1.338  1.794 12 A_DG12:DC1_A A 12 ? A 1  ? 19 1 
# 
loop_
_ndb_struct_na_base_pair_step.model_number 
_ndb_struct_na_base_pair_step.i_label_asym_id_1 
_ndb_struct_na_base_pair_step.i_label_comp_id_1 
_ndb_struct_na_base_pair_step.i_label_seq_id_1 
_ndb_struct_na_base_pair_step.i_symmetry_1 
_ndb_struct_na_base_pair_step.j_label_asym_id_1 
_ndb_struct_na_base_pair_step.j_label_comp_id_1 
_ndb_struct_na_base_pair_step.j_label_seq_id_1 
_ndb_struct_na_base_pair_step.j_symmetry_1 
_ndb_struct_na_base_pair_step.i_label_asym_id_2 
_ndb_struct_na_base_pair_step.i_label_comp_id_2 
_ndb_struct_na_base_pair_step.i_label_seq_id_2 
_ndb_struct_na_base_pair_step.i_symmetry_2 
_ndb_struct_na_base_pair_step.j_label_asym_id_2 
_ndb_struct_na_base_pair_step.j_label_comp_id_2 
_ndb_struct_na_base_pair_step.j_label_seq_id_2 
_ndb_struct_na_base_pair_step.j_symmetry_2 
_ndb_struct_na_base_pair_step.shift 
_ndb_struct_na_base_pair_step.slide 
_ndb_struct_na_base_pair_step.rise 
_ndb_struct_na_base_pair_step.tilt 
_ndb_struct_na_base_pair_step.roll 
_ndb_struct_na_base_pair_step.twist 
_ndb_struct_na_base_pair_step.x_displacement 
_ndb_struct_na_base_pair_step.y_displacement 
_ndb_struct_na_base_pair_step.helical_rise 
_ndb_struct_na_base_pair_step.inclination 
_ndb_struct_na_base_pair_step.tip 
_ndb_struct_na_base_pair_step.helical_twist 
_ndb_struct_na_base_pair_step.step_number 
_ndb_struct_na_base_pair_step.step_name 
_ndb_struct_na_base_pair_step.i_auth_asym_id_1 
_ndb_struct_na_base_pair_step.i_auth_seq_id_1 
_ndb_struct_na_base_pair_step.i_PDB_ins_code_1 
_ndb_struct_na_base_pair_step.j_auth_asym_id_1 
_ndb_struct_na_base_pair_step.j_auth_seq_id_1 
_ndb_struct_na_base_pair_step.j_PDB_ins_code_1 
_ndb_struct_na_base_pair_step.i_auth_asym_id_2 
_ndb_struct_na_base_pair_step.i_auth_seq_id_2 
_ndb_struct_na_base_pair_step.i_PDB_ins_code_2 
_ndb_struct_na_base_pair_step.j_auth_asym_id_2 
_ndb_struct_na_base_pair_step.j_auth_seq_id_2 
_ndb_struct_na_base_pair_step.j_PDB_ins_code_2 
1 A DC 1  1_555 A DG 12 2_656 A DG 2  1_555 A DC 11 2_656 -0.009 5.216  3.334 0.631  -1.236 -9.003  -29.695 1.547  4.002 7.812  
3.989  -9.109  1  AA_DC1DG2:DC11DG12_AA A 1  ? A 12 ? A 2  ? A 11 ? 
1 A DG 2  1_555 A DC 11 2_656 A DC 3  1_555 A DG 10 2_656 -0.389 -1.029 3.368 -0.376 -5.124 -51.591 1.527   -0.471 3.256 5.871  
-0.430 -51.829 2  AA_DG2DC3:DG10DC11_AA A 2  ? A 11 ? A 3  ? A 10 ? 
1 A DC 3  1_555 A DG 10 2_656 A DG 4  1_555 A DC 9  2_656 0.005  5.309  3.578 -0.394 -4.016 -8.416  -20.019 -1.204 5.508 25.523 
-2.504 -9.331  3  AA_DC3DG4:DC9DG10_AA  A 3  ? A 10 ? A 4  ? A 9  ? 
1 A DG 4  1_555 A DC 9  2_656 A DC 5  1_555 A DG 8  2_656 -0.158 -1.282 3.196 -0.940 -6.446 -48.884 1.996   -0.256 3.011 7.749  
-1.130 -49.290 4  AA_DG4DC5:DG8DC9_AA   A 4  ? A 9  ? A 5  ? A 8  ? 
1 A DC 5  1_555 A DG 8  2_656 A DG 6  1_555 A DC 7  2_656 0.017  5.741  4.104 -1.256 -2.309 -7.354  -31.364 -5.747 5.563 17.288 
-9.405 -7.809  5  AA_DC5DG6:DC7DG8_AA   A 5  ? A 8  ? A 6  ? A 7  ? 
1 A DG 6  1_555 A DC 7  2_656 A DC 7  1_555 A DG 6  2_656 0.000  -0.690 3.145 0.000  2.575  -52.102 0.620   0.000  3.173 -2.929 
0.000  -52.161 6  AA_DG6DC7:DG6DC7_AA   A 6  ? A 7  ? A 7  ? A 6  ? 
1 A DC 7  1_555 A DG 6  2_656 A DG 8  1_555 A DC 5  2_656 -0.017 5.741  4.104 1.256  -2.309 -7.354  -31.364 5.747  5.563 17.288 
9.406  -7.809  7  AA_DC7DG8:DC5DG6_AA   A 7  ? A 6  ? A 8  ? A 5  ? 
1 A DG 8  1_555 A DC 5  2_656 A DC 9  1_555 A DG 4  2_656 0.158  -1.282 3.196 0.940  -6.446 -48.884 1.996   0.256  3.011 7.749  
1.130  -49.290 8  AA_DG8DC9:DG4DC5_AA   A 8  ? A 5  ? A 9  ? A 4  ? 
1 A DC 9  1_555 A DG 4  2_656 A DG 10 1_555 A DC 3  2_656 -0.005 5.309  3.578 0.394  -4.016 -8.416  -20.019 1.204  5.508 25.523 
2.504  -9.331  9  AA_DC9DG10:DC3DG4_AA  A 9  ? A 4  ? A 10 ? A 3  ? 
1 A DG 10 1_555 A DC 3  2_656 A DC 11 1_555 A DG 2  2_656 0.389  -1.029 3.368 0.376  -5.124 -51.591 1.527   0.471  3.256 5.871  
0.430  -51.829 10 AA_DG10DC11:DG2DC3_AA A 10 ? A 3  ? A 11 ? A 2  ? 
1 A DC 11 1_555 A DG 2  2_656 A DG 12 1_555 A DC 1  2_656 0.009  5.216  3.334 -0.631 -1.236 -9.003  -29.695 -1.547 4.002 7.812  
-3.989 -9.109  11 AA_DC11DG12:DC1DG2_AA A 11 ? A 2  ? A 12 ? A 1  ? 
# 
_atom_sites.entry_id                    4OCB 
_atom_sites.fract_transf_matrix[1][1]   -0.01937062 
_atom_sites.fract_transf_matrix[1][2]   0.00258110 
_atom_sites.fract_transf_matrix[1][3]   -0.01216456 
_atom_sites.fract_transf_matrix[2][1]   0.00547858 
_atom_sites.fract_transf_matrix[2][2]   -0.04728243 
_atom_sites.fract_transf_matrix[2][3]   -0.01875647 
_atom_sites.fract_transf_matrix[3][1]   -0.03031388 
_atom_sites.fract_transf_matrix[3][2]   -0.00991328 
_atom_sites.fract_transf_matrix[3][3]   0.01613559 
_atom_sites.fract_transf_vector[1]      0.512571 
_atom_sites.fract_transf_vector[2]      0.011908 
_atom_sites.fract_transf_vector[3]      0.505691 
# 
loop_
_atom_type.symbol 
C 
N 
O 
P 
# 
loop_
_atom_site.group_PDB 
_atom_site.id 
_atom_site.type_symbol 
_atom_site.label_atom_id 
_atom_site.label_alt_id 
_atom_site.label_comp_id 
_atom_site.label_asym_id 
_atom_site.label_entity_id 
_atom_site.label_seq_id 
_atom_site.pdbx_PDB_ins_code 
_atom_site.Cartn_x 
_atom_site.Cartn_y 
_atom_site.Cartn_z 
_atom_site.occupancy 
_atom_site.B_iso_or_equiv 
_atom_site.pdbx_formal_charge 
_atom_site.auth_seq_id 
_atom_site.auth_comp_id 
_atom_site.auth_asym_id 
_atom_site.auth_atom_id 
_atom_site.pdbx_PDB_model_num 
ATOM   1   O "O5'" . DC  A 1 1  ? 21.995  2.558   2.273   1.00 9.65  ? 1   DC  A "O5'" 1 
ATOM   2   C "C5'" . DC  A 1 1  ? 20.922  3.459   2.464   1.00 8.54  ? 1   DC  A "C5'" 1 
ATOM   3   C "C4'" . DC  A 1 1  ? 20.308  3.314   3.824   1.00 6.80  ? 1   DC  A "C4'" 1 
ATOM   4   O "O4'" . DC  A 1 1  ? 19.689  2.036   3.939   1.00 7.15  ? 1   DC  A "O4'" 1 
ATOM   5   C "C3'" . DC  A 1 1  ? 21.285  3.441   4.996   1.00 7.19  ? 1   DC  A "C3'" 1 
ATOM   6   O "O3'" . DC  A 1 1  ? 20.671  4.111   6.097   1.00 7.53  ? 1   DC  A "O3'" 1 
ATOM   7   C "C2'" . DC  A 1 1  ? 21.518  1.991   5.401   1.00 7.24  ? 1   DC  A "C2'" 1 
ATOM   8   C "C1'" . DC  A 1 1  ? 20.146  1.374   5.115   1.00 6.58  ? 1   DC  A "C1'" 1 
ATOM   9   N N1    . DC  A 1 1  ? 20.222  -0.062  4.813   1.00 6.76  ? 1   DC  A N1    1 
ATOM   10  C C2    . DC  A 1 1  ? 19.969  -0.997  5.820   1.00 6.78  ? 1   DC  A C2    1 
ATOM   11  O O2    . DC  A 1 1  ? 19.649  -0.565  6.961   1.00 7.39  ? 1   DC  A O2    1 
ATOM   12  N N3    . DC  A 1 1  ? 20.091  -2.302  5.576   1.00 7.08  ? 1   DC  A N3    1 
ATOM   13  C C4    . DC  A 1 1  ? 20.453  -2.735  4.344   1.00 7.56  ? 1   DC  A C4    1 
ATOM   14  N N4    . DC  A 1 1  ? 20.561  -4.042  4.164   1.00 8.80  ? 1   DC  A N4    1 
ATOM   15  C C5    . DC  A 1 1  ? 20.711  -1.801  3.297   1.00 8.05  ? 1   DC  A C5    1 
ATOM   16  C C6    . DC  A 1 1  ? 20.609  -0.482  3.580   1.00 7.56  ? 1   DC  A C6    1 
ATOM   17  P P     . DG  A 1 2  ? 20.752  5.688   6.309   1.00 8.14  ? 2   DG  A P     1 
ATOM   18  O OP1   . DG  A 1 2  ? 22.082  6.228   5.906   1.00 9.98  ? 2   DG  A OP1   1 
ATOM   19  O OP2   . DG  A 1 2  ? 20.300  5.900   7.706   1.00 9.84  ? 2   DG  A OP2   1 
ATOM   20  O "O5'" . DG  A 1 2  ? 19.713  6.312   5.279   1.00 7.40  ? 2   DG  A "O5'" 1 
ATOM   21  C "C5'" . DG  A 1 2  ? 18.316  5.993   5.461   1.00 7.29  ? 2   DG  A "C5'" 1 
ATOM   22  C "C4'" . DG  A 1 2  ? 17.543  6.539   4.296   1.00 7.43  ? 2   DG  A "C4'" 1 
ATOM   23  O "O4'" . DG  A 1 2  ? 18.033  5.980   3.088   1.00 7.53  ? 2   DG  A "O4'" 1 
ATOM   24  C "C3'" . DG  A 1 2  ? 16.068  6.171   4.370   1.00 8.34  ? 2   DG  A "C3'" 1 
ATOM   25  O "O3'" . DG  A 1 2  ? 15.354  7.241   4.999   1.00 9.47  ? 2   DG  A "O3'" 1 
ATOM   26  C "C2'" . DG  A 1 2  ? 15.678  5.953   2.918   1.00 8.84  ? 2   DG  A "C2'" 1 
ATOM   27  C "C1'" . DG  A 1 2  ? 16.975  5.695   2.180   1.00 7.82  ? 2   DG  A "C1'" 1 
ATOM   28  N N9    . DG  A 1 2  ? 17.154  4.330   1.704   1.00 7.54  ? 2   DG  A N9    1 
ATOM   29  C C8    . DG  A 1 2  ? 17.565  3.981   0.453   1.00 8.37  ? 2   DG  A C8    1 
ATOM   30  N N7    . DG  A 1 2  ? 17.734  2.711   0.289   1.00 8.63  ? 2   DG  A N7    1 
ATOM   31  C C5    . DG  A 1 2  ? 17.388  2.181   1.548   1.00 7.22  ? 2   DG  A C5    1 
ATOM   32  C C6    . DG  A 1 2  ? 17.396  0.840   1.982   1.00 7.02  ? 2   DG  A C6    1 
ATOM   33  O O6    . DG  A 1 2  ? 17.692  -0.190  1.337   1.00 8.23  ? 2   DG  A O6    1 
ATOM   34  N N1    . DG  A 1 2  ? 16.993  0.718   3.301   1.00 6.50  ? 2   DG  A N1    1 
ATOM   35  C C2    . DG  A 1 2  ? 16.717  1.772   4.115   1.00 6.06  ? 2   DG  A C2    1 
ATOM   36  N N2    . DG  A 1 2  ? 16.451  1.488   5.391   1.00 6.67  ? 2   DG  A N2    1 
ATOM   37  N N3    . DG  A 1 2  ? 16.707  3.028   3.715   1.00 6.38  ? 2   DG  A N3    1 
ATOM   38  C C4    . DG  A 1 2  ? 17.046  3.167   2.421   1.00 6.69  ? 2   DG  A C4    1 
ATOM   39  P P     A DC  A 1 3  ? 14.330  6.972   6.236   0.78 8.51  ? 3   DC  A P     1 
ATOM   40  P P     B DC  A 1 3  ? 13.774  7.510   4.873   0.22 9.80  ? 3   DC  A P     1 
ATOM   41  O OP1   A DC  A 1 3  ? 13.760  8.266   6.636   0.78 10.60 ? 3   DC  A OP1   1 
ATOM   42  O OP1   B DC  A 1 3  ? 13.333  7.628   3.476   0.22 11.19 ? 3   DC  A OP1   1 
ATOM   43  O OP2   A DC  A 1 3  ? 14.954  6.164   7.258   0.78 10.48 ? 3   DC  A OP2   1 
ATOM   44  O OP2   B DC  A 1 3  ? 13.448  8.616   5.793   0.22 9.69  ? 3   DC  A OP2   1 
ATOM   45  O "O5'" . DC  A 1 3  ? 13.258  6.100   5.450   1.00 8.82  ? 3   DC  A "O5'" 1 
ATOM   46  C "C5'" . DC  A 1 3  ? 11.919  5.982   5.938   1.00 9.02  ? 3   DC  A "C5'" 1 
ATOM   47  C "C4'" . DC  A 1 3  ? 11.553  4.551   6.239   1.00 8.62  ? 3   DC  A "C4'" 1 
ATOM   48  O "O4'" . DC  A 1 3  ? 11.503  3.794   4.993   1.00 9.02  ? 3   DC  A "O4'" 1 
ATOM   49  C "C3'" . DC  A 1 3  ? 12.510  3.808   7.156   1.00 8.73  ? 3   DC  A "C3'" 1 
ATOM   50  O "O3'" . DC  A 1 3  ? 11.790  2.973   8.099   1.00 10.20 ? 3   DC  A "O3'" 1 
ATOM   51  C "C2'" . DC  A 1 3  ? 13.265  2.893   6.225   1.00 8.03  ? 3   DC  A "C2'" 1 
ATOM   52  C "C1'" . DC  A 1 3  ? 12.222  2.591   5.188   1.00 8.13  ? 3   DC  A "C1'" 1 
ATOM   53  N N1    . DC  A 1 3  ? 12.762  2.210   3.899   1.00 7.67  ? 3   DC  A N1    1 
ATOM   54  C C2    . DC  A 1 3  ? 13.024  0.868   3.664   1.00 7.26  ? 3   DC  A C2    1 
ATOM   55  O O2    . DC  A 1 3  ? 12.777  0.034   4.569   1.00 8.27  ? 3   DC  A O2    1 
ATOM   56  N N3    . DC  A 1 3  ? 13.565  0.507   2.492   1.00 7.24  ? 3   DC  A N3    1 
ATOM   57  C C4    . DC  A 1 3  ? 13.873  1.427   1.554   1.00 7.61  ? 3   DC  A C4    1 
ATOM   58  N N4    . DC  A 1 3  ? 14.384  1.017   0.408   1.00 8.47  ? 3   DC  A N4    1 
ATOM   59  C C5    . DC  A 1 3  ? 13.613  2.806   1.792   1.00 8.62  ? 3   DC  A C5    1 
ATOM   60  C C6    . DC  A 1 3  ? 13.079  3.157   2.948   1.00 8.53  ? 3   DC  A C6    1 
ATOM   61  P P     . DG  A 1 4  ? 11.430  3.534   9.609   1.00 12.63 ? 4   DG  A P     1 
ATOM   62  O OP1   . DG  A 1 4  ? 12.422  4.423   10.131  1.00 15.52 ? 4   DG  A OP1   1 
ATOM   63  O OP2   . DG  A 1 4  ? 11.006  2.348   10.359  1.00 16.87 ? 4   DG  A OP2   1 
ATOM   64  O "O5'" . DG  A 1 4  ? 10.133  4.451   9.276   1.00 12.02 ? 4   DG  A "O5'" 1 
ATOM   65  C "C5'" . DG  A 1 4  ? 8.908   3.869   8.764   1.00 13.25 ? 4   DG  A "C5'" 1 
ATOM   66  C "C4'" . DG  A 1 4  ? 7.970   5.009   8.428   1.00 14.79 ? 4   DG  A "C4'" 1 
ATOM   67  O "O4'" . DG  A 1 4  ? 8.574   5.898   7.427   1.00 13.85 ? 4   DG  A "O4'" 1 
ATOM   68  C "C3'" . DG  A 1 4  ? 6.684   4.524   7.863   1.00 16.12 ? 4   DG  A "C3'" 1 
ATOM   69  O "O3'" A DG  A 1 4  ? 5.782   4.201   8.925   0.63 16.45 ? 4   DG  A "O3'" 1 
ATOM   70  O "O3'" B DG  A 1 4  ? 5.565   4.989   8.640   0.37 17.66 ? 4   DG  A "O3'" 1 
ATOM   71  C "C2'" . DG  A 1 4  ? 6.358   5.611   6.859   1.00 17.17 ? 4   DG  A "C2'" 1 
ATOM   72  C "C1'" . DG  A 1 4  ? 7.619   6.415   6.555   1.00 15.89 ? 4   DG  A "C1'" 1 
ATOM   73  N N9    . DG  A 1 4  ? 8.145   6.179   5.249   1.00 14.32 ? 4   DG  A N9    1 
ATOM   74  C C8    . DG  A 1 4  ? 8.536   7.173   4.365   1.00 15.70 ? 4   DG  A C8    1 
ATOM   75  N N7    . DG  A 1 4  ? 9.116   6.771   3.280   1.00 14.22 ? 4   DG  A N7    1 
ATOM   76  C C5    . DG  A 1 4  ? 9.053   5.383   3.436   1.00 11.79 ? 4   DG  A C5    1 
ATOM   77  C C6    . DG  A 1 4  ? 9.517   4.368   2.579   1.00 10.90 ? 4   DG  A C6    1 
ATOM   78  O O6    . DG  A 1 4  ? 10.102  4.487   1.471   1.00 11.14 ? 4   DG  A O6    1 
ATOM   79  N N1    . DG  A 1 4  ? 9.246   3.108   3.069   1.00 10.12 ? 4   DG  A N1    1 
ATOM   80  C C2    . DG  A 1 4  ? 8.700   2.835   4.318   1.00 9.94  ? 4   DG  A C2    1 
ATOM   81  N N2    . DG  A 1 4  ? 8.590   1.587   4.629   1.00 10.51 ? 4   DG  A N2    1 
ATOM   82  N N3    . DG  A 1 4  ? 8.266   3.776   5.120   1.00 11.56 ? 4   DG  A N3    1 
ATOM   83  C C4    . DG  A 1 4  ? 8.451   5.001   4.640   1.00 12.04 ? 4   DG  A C4    1 
ATOM   84  P P     A DC  A 1 5  ? 5.055   2.776   9.123   0.65 13.63 ? 5   DC  A P     1 
ATOM   85  P P     B DC  A 1 5  ? 4.054   4.833   8.150   0.35 15.71 ? 5   DC  A P     1 
ATOM   86  O OP1   A DC  A 1 5  ? 4.104   2.900   10.245  0.65 15.54 ? 5   DC  A OP1   1 
ATOM   87  O OP1   B DC  A 1 5  ? 3.500   5.877   7.315   0.35 26.06 ? 5   DC  A OP1   1 
ATOM   88  O OP2   A DC  A 1 5  ? 6.089   1.738   9.204   0.65 16.78 ? 5   DC  A OP2   1 
ATOM   89  O OP2   B DC  A 1 5  ? 3.331   4.449   9.396   0.35 25.72 ? 5   DC  A OP2   1 
ATOM   90  O "O5'" A DC  A 1 5  ? 4.318   2.769   7.716   0.65 14.86 ? 5   DC  A "O5'" 1 
ATOM   91  O "O5'" B DC  A 1 5  ? 4.058   3.434   7.296   0.35 11.36 ? 5   DC  A "O5'" 1 
ATOM   92  C "C5'" A DC  A 1 5  ? 2.971   2.226   7.557   0.65 12.28 ? 5   DC  A "C5'" 1 
ATOM   93  C "C5'" B DC  A 1 5  ? 2.985   2.476   7.373   0.35 15.01 ? 5   DC  A "C5'" 1 
ATOM   94  C "C4'" . DC  A 1 5  ? 3.014   1.282   6.407   1.00 10.65 ? 5   DC  A "C4'" 1 
ATOM   95  O "O4'" . DC  A 1 5  ? 3.148   1.919   5.143   1.00 9.22  ? 5   DC  A "O4'" 1 
ATOM   96  C "C3'" . DC  A 1 5  ? 4.113   0.240   6.529   1.00 12.20 ? 5   DC  A "C3'" 1 
ATOM   97  O "O3'" . DC  A 1 5  ? 3.639   -0.999  6.056   1.00 12.10 ? 5   DC  A "O3'" 1 
ATOM   98  C "C2'" . DC  A 1 5  ? 5.120   0.771   5.465   1.00 10.80 ? 5   DC  A "C2'" 1 
ATOM   99  C "C1'" . DC  A 1 5  ? 4.188   1.268   4.422   1.00 8.22  ? 5   DC  A "C1'" 1 
ATOM   100 N N1    . DC  A 1 5  ? 4.803   2.268   3.549   1.00 8.09  ? 5   DC  A N1    1 
ATOM   101 C C2    . DC  A 1 5  ? 5.516   1.802   2.431   1.00 7.48  ? 5   DC  A C2    1 
ATOM   102 O O2    . DC  A 1 5  ? 5.578   0.582   2.256   1.00 7.98  ? 5   DC  A O2    1 
ATOM   103 N N3    . DC  A 1 5  ? 6.118   2.680   1.613   1.00 7.59  ? 5   DC  A N3    1 
ATOM   104 C C4    . DC  A 1 5  ? 6.034   3.965   1.884   1.00 8.25  ? 5   DC  A C4    1 
ATOM   105 N N4    . DC  A 1 5  ? 6.615   4.849   1.039   1.00 9.23  ? 5   DC  A N4    1 
ATOM   106 C C5    . DC  A 1 5  ? 5.351   4.477   3.032   1.00 9.49  ? 5   DC  A C5    1 
ATOM   107 C C6    . DC  A 1 5  ? 4.742   3.595   3.820   1.00 9.14  ? 5   DC  A C6    1 
ATOM   108 P P     . DG  A 1 6  ? 3.205   -2.128  7.129   1.00 15.88 ? 6   DG  A P     1 
ATOM   109 O OP1   . DG  A 1 6  ? 4.183   -2.196  8.216   1.00 23.08 ? 6   DG  A OP1   1 
ATOM   110 O OP2   . DG  A 1 6  ? 2.920   -3.373  6.309   1.00 21.96 ? 6   DG  A OP2   1 
ATOM   111 O "O5'" . DG  A 1 6  ? 1.865   -1.609  7.812   1.00 11.86 ? 6   DG  A "O5'" 1 
ATOM   112 C "C5'" . DG  A 1 6  ? 0.679   -1.508  7.050   1.00 9.06  ? 6   DG  A "C5'" 1 
ATOM   113 C "C4'" . DG  A 1 6  ? -0.378  -0.797  7.826   1.00 7.83  ? 6   DG  A "C4'" 1 
ATOM   114 O "O4'" . DG  A 1 6  ? 0.023   0.552   8.053   1.00 8.48  ? 6   DG  A "O4'" 1 
ATOM   115 C "C3'" . DG  A 1 6  ? -1.715  -0.732  7.093   1.00 7.28  ? 6   DG  A "C3'" 1 
ATOM   116 O "O3'" . DG  A 1 6  ? -2.472  -1.852  7.520   1.00 8.44  ? 6   DG  A "O3'" 1 
ATOM   117 C "C2'" . DG  A 1 6  ? -2.295  0.590   7.530   1.00 8.05  ? 6   DG  A "C2'" 1 
ATOM   118 C "C1'" . DG  A 1 6  ? -1.091  1.427   7.953   1.00 8.00  ? 6   DG  A "C1'" 1 
ATOM   119 N N9    . DG  A 1 6  ? -0.695  2.498   7.054   1.00 7.91  ? 6   DG  A N9    1 
ATOM   120 C C8    . DG  A 1 6  ? -0.618  3.833   7.430   1.00 9.76  ? 6   DG  A C8    1 
ATOM   121 N N7    . DG  A 1 6  ? -0.123  4.565   6.484   1.00 9.96  ? 6   DG  A N7    1 
ATOM   122 C C5    . DG  A 1 6  ? 0.115   3.702   5.434   1.00 8.96  ? 6   DG  A C5    1 
ATOM   123 C C6    . DG  A 1 6  ? 0.706   3.950   4.172   1.00 8.68  ? 6   DG  A C6    1 
ATOM   124 O O6    . DG  A 1 6  ? 1.124   5.025   3.731   1.00 10.26 ? 6   DG  A O6    1 
ATOM   125 N N1    . DG  A 1 6  ? 0.808   2.787   3.410   1.00 7.43  ? 6   DG  A N1    1 
ATOM   126 C C2    . DG  A 1 6  ? 0.464   1.531   3.852   1.00 6.73  ? 6   DG  A C2    1 
ATOM   127 N N2    . DG  A 1 6  ? 0.712   0.534   3.024   1.00 6.79  ? 6   DG  A N2    1 
ATOM   128 N N3    . DG  A 1 6  ? -0.109  1.287   5.032   1.00 6.92  ? 6   DG  A N3    1 
ATOM   129 C C4    . DG  A 1 6  ? -0.242  2.417   5.765   1.00 7.37  ? 6   DG  A C4    1 
ATOM   130 P P     . DC  A 1 7  ? -3.838  -2.276  6.847   1.00 8.89  ? 7   DC  A P     1 
ATOM   131 O OP1   . DC  A 1 7  ? -4.759  -1.111  6.711   1.00 13.40 ? 7   DC  A OP1   1 
ATOM   132 O OP2   . DC  A 1 7  ? -4.304  -3.455  7.620   1.00 15.03 ? 7   DC  A OP2   1 
ATOM   133 O "O5'" . DC  A 1 7  ? -3.332  -2.743  5.409   1.00 7.29  ? 7   DC  A "O5'" 1 
ATOM   134 C "C5'" . DC  A 1 7  ? -4.232  -3.479  4.573   1.00 7.04  ? 7   DC  A "C5'" 1 
ATOM   135 C "C4'" . DC  A 1 7  ? -3.854  -3.316  3.128   1.00 6.75  ? 7   DC  A "C4'" 1 
ATOM   136 O "O4'" . DC  A 1 7  ? -4.138  -1.980  2.719   1.00 7.20  ? 7   DC  A "O4'" 1 
ATOM   137 C "C3'" . DC  A 1 7  ? -2.365  -3.558  2.818   1.00 7.18  ? 7   DC  A "C3'" 1 
ATOM   138 O "O3'" . DC  A 1 7  ? -2.217  -4.184  1.537   1.00 8.50  ? 7   DC  A "O3'" 1 
ATOM   139 C "C2'" . DC  A 1 7  ? -1.814  -2.142  2.720   1.00 6.84  ? 7   DC  A "C2'" 1 
ATOM   140 C "C1'" . DC  A 1 7  ? -2.977  -1.374  2.119   1.00 6.66  ? 7   DC  A "C1'" 1 
ATOM   141 N N1    . DC  A 1 7  ? -2.971  0.028   2.454   1.00 6.70  ? 7   DC  A N1    1 
ATOM   142 C C2    . DC  A 1 7  ? -2.319  0.901   1.588   1.00 7.01  ? 7   DC  A C2    1 
ATOM   143 O O2    . DC  A 1 7  ? -1.805  0.446   0.558   1.00 7.26  ? 7   DC  A O2    1 
ATOM   144 N N3    . DC  A 1 7  ? -2.252  2.204   1.883   1.00 7.40  ? 7   DC  A N3    1 
ATOM   145 C C4    . DC  A 1 7  ? -2.812  2.679   3.035   1.00 7.68  ? 7   DC  A C4    1 
ATOM   146 N N4    . DC  A 1 7  ? -2.713  3.975   3.290   1.00 8.82  ? 7   DC  A N4    1 
ATOM   147 C C5    . DC  A 1 7  ? -3.480  1.810   3.929   1.00 7.46  ? 7   DC  A C5    1 
ATOM   148 C C6    . DC  A 1 7  ? -3.533  0.510   3.604   1.00 7.20  ? 7   DC  A C6    1 
ATOM   149 P P     A DG  A 1 8  ? -1.954  -5.816  1.486   0.65 8.39  ? 8   DG  A P     1 
ATOM   150 P P     B DG  A 1 8  ? -2.172  -5.555  1.030   0.35 9.81  ? 8   DG  A P     1 
ATOM   151 O OP1   A DG  A 1 8  ? -1.173  -6.300  2.625   0.65 10.04 ? 8   DG  A OP1   1 
ATOM   152 O OP1   B DG  A 1 8  ? -1.088  -6.242  1.903   0.35 13.56 ? 8   DG  A OP1   1 
ATOM   153 O OP2   A DG  A 1 8  ? -1.489  -6.037  0.111   0.65 9.76  ? 8   DG  A OP2   1 
ATOM   154 O OP2   B DG  A 1 8  ? -1.952  -5.692  -0.391  0.35 16.57 ? 8   DG  A OP2   1 
ATOM   155 O "O5'" . DG  A 1 8  ? -3.449  -6.410  1.595   1.00 8.60  ? 8   DG  A "O5'" 1 
ATOM   156 C "C5'" . DG  A 1 8  ? -4.535  -6.105  0.688   1.00 8.17  ? 8   DG  A "C5'" 1 
ATOM   157 C "C4'" . DG  A 1 8  ? -5.781  -6.757  1.238   1.00 7.94  ? 8   DG  A "C4'" 1 
ATOM   158 O "O4'" . DG  A 1 8  ? -6.028  -6.204  2.525   1.00 8.20  ? 8   DG  A "O4'" 1 
ATOM   159 C "C3'" . DG  A 1 8  ? -7.025  -6.471  0.406   1.00 8.03  ? 8   DG  A "C3'" 1 
ATOM   160 O "O3'" . DG  A 1 8  ? -7.186  -7.569  -0.520  1.00 9.02  ? 8   DG  A "O3'" 1 
ATOM   161 C "C2'" . DG  A 1 8  ? -8.121  -6.424  1.457   1.00 8.77  ? 8   DG  A "C2'" 1 
ATOM   162 C "C1'" . DG  A 1 8  ? -7.411  -6.018  2.742   1.00 8.31  ? 8   DG  A "C1'" 1 
ATOM   163 N N9    . DG  A 1 8  ? -7.610  -4.646  3.156   1.00 8.26  ? 8   DG  A N9    1 
ATOM   164 C C8    . DG  A 1 8  ? -8.081  -4.217  4.374   1.00 9.65  ? 8   DG  A C8    1 
ATOM   165 N N7    . DG  A 1 8  ? -8.085  -2.941  4.536   1.00 9.72  ? 8   DG  A N7    1 
ATOM   166 C C5    . DG  A 1 8  ? -7.595  -2.440  3.327   1.00 7.95  ? 8   DG  A C5    1 
ATOM   167 C C6    . DG  A 1 8  ? -7.324  -1.117  2.894   1.00 7.67  ? 8   DG  A C6    1 
ATOM   168 O O6    . DG  A 1 8  ? -7.496  -0.071  3.538   1.00 8.86  ? 8   DG  A O6    1 
ATOM   169 N N1    . DG  A 1 8  ? -6.787  -1.060  1.630   1.00 7.11  ? 8   DG  A N1    1 
ATOM   170 C C2    . DG  A 1 8  ? -6.507  -2.148  0.869   1.00 6.71  ? 8   DG  A C2    1 
ATOM   171 N N2    . DG  A 1 8  ? -5.943  -1.920  -0.320  1.00 6.97  ? 8   DG  A N2    1 
ATOM   172 N N3    . DG  A 1 8  ? -6.747  -3.403  1.242   1.00 6.76  ? 8   DG  A N3    1 
ATOM   173 C C4    . DG  A 1 8  ? -7.281  -3.486  2.475   1.00 7.22  ? 8   DG  A C4    1 
ATOM   174 P P     A DC  A 1 9  ? -7.011  -7.374  -2.055  0.26 8.51  ? 9   DC  A P     1 
ATOM   175 P P     B DC  A 1 9  ? -8.357  -7.710  -1.589  0.74 11.39 ? 9   DC  A P     1 
ATOM   176 O OP1   A DC  A 1 9  ? -7.264  -8.680  -2.703  0.26 11.75 ? 9   DC  A OP1   1 
ATOM   177 O OP1   B DC  A 1 9  ? -9.688  -7.687  -0.972  0.74 15.50 ? 9   DC  A OP1   1 
ATOM   178 O OP2   A DC  A 1 9  ? -5.782  -6.598  -2.393  0.26 11.58 ? 9   DC  A OP2   1 
ATOM   179 O OP2   B DC  A 1 9  ? -8.052  -8.950  -2.378  0.74 18.46 ? 9   DC  A OP2   1 
ATOM   180 O "O5'" . DC  A 1 9  ? -8.217  -6.415  -2.437  1.00 7.80  ? 9   DC  A "O5'" 1 
ATOM   181 C "C5'" . DC  A 1 9  ? -8.978  -6.395  -3.658  1.00 7.99  ? 9   DC  A "C5'" 1 
ATOM   182 C "C4'" . DC  A 1 9  ? -8.931  -5.017  -4.253  1.00 7.75  ? 9   DC  A "C4'" 1 
ATOM   183 O "O4'" . DC  A 1 9  ? -9.703  -4.117  -3.425  1.00 8.14  ? 9   DC  A "O4'" 1 
ATOM   184 C "C3'" . DC  A 1 9  ? -7.530  -4.393  -4.368  1.00 8.96  ? 9   DC  A "C3'" 1 
ATOM   185 O "O3'" . DC  A 1 9  ? -7.446  -3.581  -5.548  1.00 11.85 ? 9   DC  A "O3'" 1 
ATOM   186 C "C2'" . DC  A 1 9  ? -7.489  -3.450  -3.222  1.00 8.44  ? 9   DC  A "C2'" 1 
ATOM   187 C "C1'" . DC  A 1 9  ? -8.928  -2.971  -3.138  1.00 7.88  ? 9   DC  A "C1'" 1 
ATOM   188 N N1    . DC  A 1 9  ? -9.329  -2.475  -1.841  1.00 7.77  ? 9   DC  A N1    1 
ATOM   189 C C2    . DC  A 1 9  ? -9.189  -1.098  -1.600  1.00 8.50  ? 9   DC  A C2    1 
ATOM   190 O O2    . DC  A 1 9  ? -8.713  -0.391  -2.526  1.00 9.76  ? 9   DC  A O2    1 
ATOM   191 N N3    . DC  A 1 9  ? -9.538  -0.614  -0.415  1.00 8.56  ? 9   DC  A N3    1 
ATOM   192 C C4    . DC  A 1 9  ? -9.993  -1.422  0.554   1.00 8.69  ? 9   DC  A C4    1 
ATOM   193 N N4    . DC  A 1 9  ? -10.334 -0.871  1.706   1.00 9.60  ? 9   DC  A N4    1 
ATOM   194 C C5    . DC  A 1 9  ? -10.103 -2.815  0.333   1.00 8.77  ? 9   DC  A C5    1 
ATOM   195 C C6    . DC  A 1 9  ? -9.775  -3.292  -0.853  1.00 8.26  ? 9   DC  A C6    1 
ATOM   196 P P     . DG  A 1 10 ? -6.861  -4.161  -6.903  1.00 15.10 ? 10  DG  A P     1 
ATOM   197 O OP1   . DG  A 1 10 ? -5.688  -5.065  -6.608  1.00 20.81 ? 10  DG  A OP1   1 
ATOM   198 O OP2   . DG  A 1 10 ? -6.655  -2.995  -7.763  1.00 22.93 ? 10  DG  A OP2   1 
ATOM   199 O "O5'" . DG  A 1 10 ? -8.033  -5.068  -7.481  1.00 12.03 ? 10  DG  A "O5'" 1 
ATOM   200 C "C5'" . DG  A 1 10 ? -9.283  -4.474  -7.891  1.00 10.90 ? 10  DG  A "C5'" 1 
ATOM   201 C "C4'" . DG  A 1 10 ? -10.239 -5.630  -8.212  1.00 9.07  ? 10  DG  A "C4'" 1 
ATOM   202 O "O4'" . DG  A 1 10 ? -10.452 -6.400  -7.019  1.00 8.97  ? 10  DG  A "O4'" 1 
ATOM   203 C "C3'" . DG  A 1 10 ? -11.619 -5.161  -8.651  1.00 9.45  ? 10  DG  A "C3'" 1 
ATOM   204 O "O3'" . DG  A 1 10 ? -11.606 -5.107  -10.082 1.00 10.34 ? 10  DG  A "O3'" 1 
ATOM   205 C "C2'" . DG  A 1 10 ? -12.561 -6.207  -8.107  1.00 10.19 ? 10  DG  A "C2'" 1 
ATOM   206 C "C1'" . DG  A 1 10 ? -11.814 -6.860  -6.951  1.00 9.08  ? 10  DG  A "C1'" 1 
ATOM   207 N N9    . DG  A 1 10 ? -12.304 -6.530  -5.649  1.00 8.20  ? 10  DG  A N9    1 
ATOM   208 C C8    . DG  A 1 10 ? -12.640 -7.432  -4.663  1.00 8.94  ? 10  DG  A C8    1 
ATOM   209 N N7    . DG  A 1 10 ? -12.934 -6.862  -3.496  1.00 8.81  ? 10  DG  A N7    1 
ATOM   210 C C5    . DG  A 1 10 ? -12.757 -5.528  -3.771  1.00 7.47  ? 10  DG  A C5    1 
ATOM   211 C C6    . DG  A 1 10 ? -12.924 -4.411  -2.904  1.00 7.21  ? 10  DG  A C6    1 
ATOM   212 O O6    . DG  A 1 10 ? -13.218 -4.424  -1.709  1.00 8.39  ? 10  DG  A O6    1 
ATOM   213 N N1    . DG  A 1 10 ? -12.646 -3.197  -3.526  1.00 6.90  ? 10  DG  A N1    1 
ATOM   214 C C2    . DG  A 1 10 ? -12.216 -3.082  -4.829  1.00 7.01  ? 10  DG  A C2    1 
ATOM   215 N N2    . DG  A 1 10 ? -11.954 -1.852  -5.259  1.00 7.65  ? 10  DG  A N2    1 
ATOM   216 N N3    . DG  A 1 10 ? -12.078 -4.117  -5.654  1.00 7.34  ? 10  DG  A N3    1 
ATOM   217 C C4    . DG  A 1 10 ? -12.374 -5.285  -5.066  1.00 7.21  ? 10  DG  A C4    1 
ATOM   218 P P     A DC  A 1 11 ? -11.622 -3.698  -10.827 0.39 8.41  ? 11  DC  A P     1 
ATOM   219 P P     B DC  A 1 11 ? -12.810 -4.688  -11.073 0.61 12.15 ? 11  DC  A P     1 
ATOM   220 O OP1   A DC  A 1 11 ? -11.436 -4.028  -12.253 0.39 10.48 ? 11  DC  A OP1   1 
ATOM   221 O OP1   B DC  A 1 11 ? -13.969 -5.561  -10.815 0.61 17.84 ? 11  DC  A OP1   1 
ATOM   222 O OP2   A DC  A 1 11 ? -10.698 -2.750  -10.187 0.39 11.75 ? 11  DC  A OP2   1 
ATOM   223 O OP2   B DC  A 1 11 ? -12.304 -4.718  -12.449 0.61 18.31 ? 11  DC  A OP2   1 
ATOM   224 O "O5'" . DC  A 1 11 ? -13.105 -3.242  -10.592 1.00 8.58  ? 11  DC  A "O5'" 1 
ATOM   225 C "C5'" . DC  A 1 11 ? -13.885 -2.438  -11.487 1.00 8.26  ? 11  DC  A "C5'" 1 
ATOM   226 C "C4'" . DC  A 1 11 ? -14.331 -1.204  -10.766 1.00 7.82  ? 11  DC  A "C4'" 1 
ATOM   227 O "O4'" . DC  A 1 11 ? -15.212 -1.529  -9.697  1.00 7.95  ? 11  DC  A "O4'" 1 
ATOM   228 C "C3'" . DC  A 1 11 ? -13.173 -0.377  -10.149 1.00 8.46  ? 11  DC  A "C3'" 1 
ATOM   229 O "O3'" A DC  A 1 11 ? -13.147 0.977   -10.328 0.62 8.39  ? 11  DC  A "O3'" 1 
ATOM   230 O "O3'" B DC  A 1 11 ? -13.815 1.005   -10.209 0.38 7.72  ? 11  DC  A "O3'" 1 
ATOM   231 C "C2'" . DC  A 1 11 ? -13.251 -0.738  -8.675  1.00 7.62  ? 11  DC  A "C2'" 1 
ATOM   232 C "C1'" . DC  A 1 11 ? -14.745 -0.912  -8.487  1.00 7.05  ? 11  DC  A "C1'" 1 
ATOM   233 N N1    . DC  A 1 11 ? -15.109 -1.813  -7.396  1.00 6.83  ? 11  DC  A N1    1 
ATOM   234 C C2    . DC  A 1 11 ? -15.369 -1.285  -6.132  1.00 6.60  ? 11  DC  A C2    1 
ATOM   235 O O2    . DC  A 1 11 ? -15.312 -0.037  -5.986  1.00 7.11  ? 11  DC  A O2    1 
ATOM   236 N N3    . DC  A 1 11 ? -15.682 -2.106  -5.115  1.00 6.63  ? 11  DC  A N3    1 
ATOM   237 C C4    . DC  A 1 11 ? -15.695 -3.424  -5.309  1.00 7.14  ? 11  DC  A C4    1 
ATOM   238 N N4    . DC  A 1 11 ? -15.968 -4.199  -4.287  1.00 7.67  ? 11  DC  A N4    1 
ATOM   239 C C5    . DC  A 1 11 ? -15.423 -4.016  -6.571  1.00 7.79  ? 11  DC  A C5    1 
ATOM   240 C C6    . DC  A 1 11 ? -15.137 -3.161  -7.586  1.00 7.55  ? 11  DC  A C6    1 
ATOM   241 P P     A DG  A 1 12 ? -12.554 1.729   -11.595 0.62 9.26  ? 12  DG  A P     1 
ATOM   242 P P     B DG  A 1 12 ? -13.285 2.037   -11.304 0.38 8.86  ? 12  DG  A P     1 
ATOM   243 O OP1   A DG  A 1 12 ? -11.273 1.122   -12.006 0.62 11.71 ? 12  DG  A OP1   1 
ATOM   244 O OP1   B DG  A 1 12 ? -11.777 1.899   -11.395 0.38 11.14 ? 12  DG  A OP1   1 
ATOM   245 O OP2   A DG  A 1 12 ? -12.615 3.150   -11.271 0.62 11.56 ? 12  DG  A OP2   1 
ATOM   246 O OP2   B DG  A 1 12 ? -13.882 3.363   -11.044 0.38 12.25 ? 12  DG  A OP2   1 
ATOM   247 O "O5'" A DG  A 1 12 ? -13.608 1.382   -12.762 0.62 9.96  ? 12  DG  A "O5'" 1 
ATOM   248 O "O5'" B DG  A 1 12 ? -13.781 1.511   -12.695 0.38 8.88  ? 12  DG  A "O5'" 1 
ATOM   249 C "C5'" A DG  A 1 12 ? -15.009 1.792   -12.846 0.62 9.42  ? 12  DG  A "C5'" 1 
ATOM   250 C "C5'" B DG  A 1 12 ? -15.022 2.208   -12.866 0.38 9.22  ? 12  DG  A "C5'" 1 
ATOM   251 C "C4'" A DG  A 1 12 ? -15.551 1.211   -14.156 0.62 12.47 ? 12  DG  A "C4'" 1 
ATOM   252 C "C4'" B DG  A 1 12 ? -15.748 1.516   -13.968 0.38 11.71 ? 12  DG  A "C4'" 1 
ATOM   253 O "O4'" A DG  A 1 12 ? -15.651 -0.224  -14.021 0.62 10.64 ? 12  DG  A "O4'" 1 
ATOM   254 O "O4'" B DG  A 1 12 ? -15.708 0.089   -13.730 0.38 8.89  ? 12  DG  A "O4'" 1 
ATOM   255 C "C3'" A DG  A 1 12 ? -16.935 1.649   -14.716 0.62 15.82 ? 12  DG  A "C3'" 1 
ATOM   256 C "C3'" B DG  A 1 12 ? -17.242 1.847   -13.696 0.38 10.48 ? 12  DG  A "C3'" 1 
ATOM   257 O "O3'" A DG  A 1 12 ? -16.929 1.555   -16.137 0.62 21.36 ? 12  DG  A "O3'" 1 
ATOM   258 O "O3'" B DG  A 1 12 ? -17.485 3.120   -14.304 0.38 12.47 ? 12  DG  A "O3'" 1 
ATOM   259 C "C2'" A DG  A 1 12 ? -17.881 0.610   -14.120 0.62 12.17 ? 12  DG  A "C2'" 1 
ATOM   260 C "C2'" B DG  A 1 12 ? -17.893 0.709   -14.443 0.38 13.56 ? 12  DG  A "C2'" 1 
ATOM   261 C "C1'" A DG  A 1 12 ? -17.010 -0.599  -14.165 0.62 11.58 ? 12  DG  A "C1'" 1 
ATOM   262 C "C1'" B DG  A 1 12 ? -16.970 -0.451  -14.187 0.38 10.98 ? 12  DG  A "C1'" 1 
ATOM   263 N N9    . DG  A 1 12 ? -17.303 -1.527  -13.212 1.00 10.60 ? 12  DG  A N9    1 
ATOM   264 C C8    . DG  A 1 12 ? -17.292 -2.900  -13.458 1.00 11.64 ? 12  DG  A C8    1 
ATOM   265 N N7    . DG  A 1 12 ? -17.540 -3.596  -12.444 1.00 11.40 ? 12  DG  A N7    1 
ATOM   266 C C5    . DG  A 1 12 ? -17.734 -2.691  -11.427 1.00 9.46  ? 12  DG  A C5    1 
ATOM   267 C C6    . DG  A 1 12 ? -18.041 -2.893  -10.033 1.00 8.65  ? 12  DG  A C6    1 
ATOM   268 O O6    . DG  A 1 12 ? -18.149 -3.977  -9.437  1.00 9.87  ? 12  DG  A O6    1 
ATOM   269 N N1    . DG  A 1 12 ? -18.172 -1.710  -9.341  1.00 8.09  ? 12  DG  A N1    1 
ATOM   270 C C2    . DG  A 1 12 ? -17.957 -0.490  -9.898  1.00 8.17  ? 12  DG  A C2    1 
ATOM   271 N N2    . DG  A 1 12 ? -18.030 0.560   -9.059  1.00 8.55  ? 12  DG  A N2    1 
ATOM   272 N N3    . DG  A 1 12 ? -17.656 -0.270  -11.164 1.00 8.81  ? 12  DG  A N3    1 
ATOM   273 C C4    . DG  A 1 12 ? -17.584 -1.412  -11.858 1.00 9.47  ? 12  DG  A C4    1 
HETATM 274 O O     . HOH B 2 .  ? 18.672  3.988   8.768   1.00 9.17  ? 101 HOH A O     1 
HETATM 275 O O     . HOH B 2 .  ? 16.275  3.726   7.443   0.83 7.86  ? 102 HOH A O     1 
HETATM 276 O O     . HOH B 2 .  ? 19.658  1.463   8.793   0.93 9.10  ? 103 HOH A O     1 
HETATM 277 O O     . HOH B 2 .  ? 1.504   -2.374  3.558   0.87 11.80 ? 104 HOH A O     1 
HETATM 278 O O     . HOH B 2 .  ? 14.767  3.180   -1.567  1.00 14.80 ? 105 HOH A O     1 
HETATM 279 O O     . HOH B 2 .  ? -16.109 -7.068  -4.952  0.94 13.88 ? 106 HOH A O     1 
HETATM 280 O O     . HOH B 2 .  ? -4.369  -3.835  -2.040  0.94 13.25 ? 107 HOH A O     1 
HETATM 281 O O     . HOH B 2 .  ? -16.821 3.334   -9.983  0.77 10.16 ? 108 HOH A O     1 
HETATM 282 O O     . HOH B 2 .  ? 7.883   0.586   7.459   0.91 13.37 ? 109 HOH A O     1 
HETATM 283 O O     . HOH B 2 .  ? 23.608  6.435   3.815   0.69 13.02 ? 110 HOH A O     1 
HETATM 284 O O     . HOH B 2 .  ? 20.960  -5.000  1.362   0.98 21.31 ? 111 HOH A O     1 
HETATM 285 O O     . HOH B 2 .  ? 15.441  1.929   9.272   0.72 10.97 ? 112 HOH A O     1 
HETATM 286 O O     . HOH B 2 .  ? -13.971 2.280   -6.753  0.49 7.88  ? 113 HOH A O     1 
HETATM 287 O O     . HOH B 2 .  ? -11.754 -6.174  -0.038  1.00 16.32 ? 114 HOH A O     1 
HETATM 288 O O     . HOH B 2 .  ? 12.197  -0.774  7.130   0.45 9.43  ? 115 HOH A O     1 
HETATM 289 O O     . HOH B 2 .  ? 24.342  3.631   3.245   0.68 14.74 ? 116 HOH A O     1 
HETATM 290 O O     . HOH B 2 .  ? -6.308  0.802   5.972   0.70 15.85 ? 117 HOH A O     1 
HETATM 291 O O     . HOH B 2 .  ? -10.197 -1.020  -7.494  1.00 19.70 ? 118 HOH A O     1 
HETATM 292 O O     . HOH B 2 .  ? -14.250 3.739   -9.128  0.56 8.77  ? 119 HOH A O     1 
HETATM 293 O O     . HOH B 2 .  ? -2.550  -0.867  -1.988  0.71 14.37 ? 120 HOH A O     1 
HETATM 294 O O     . HOH B 2 .  ? 10.237  0.200   8.814   0.73 14.13 ? 121 HOH A O     1 
HETATM 295 O O     . HOH B 2 .  ? -15.576 2.691   -17.812 0.85 18.21 ? 122 HOH A O     1 
HETATM 296 O O     . HOH B 2 .  ? -7.494  -2.233  7.350   0.47 10.67 ? 123 HOH A O     1 
HETATM 297 O O     . HOH B 2 .  ? 11.278  9.364   5.847   1.00 23.52 ? 124 HOH A O     1 
HETATM 298 O O     . HOH B 2 .  ? -11.606 -2.719  3.570   1.00 18.86 ? 125 HOH A O     1 
HETATM 299 O O     . HOH B 2 .  ? -9.761  -4.507  7.197   0.68 16.53 ? 126 HOH A O     1 
HETATM 300 O O     . HOH B 2 .  ? -1.767  -3.822  -1.665  0.40 12.52 ? 127 HOH A O     1 
HETATM 301 O O     . HOH B 2 .  ? 14.246  5.759   -0.161  0.96 15.73 ? 128 HOH A O     1 
HETATM 302 O O     . HOH B 2 .  ? 12.356  6.188   1.297   1.00 21.23 ? 129 HOH A O     1 
HETATM 303 O O     . HOH B 2 .  ? 18.680  4.756   11.436  0.40 9.78  ? 130 HOH A O     1 
HETATM 304 O O     . HOH B 2 .  ? -17.575 4.408   -7.628  0.56 10.43 ? 131 HOH A O     1 
HETATM 305 O O     . HOH B 2 .  ? 21.517  -2.870  -0.011  0.45 15.52 ? 132 HOH A O     1 
HETATM 306 O O     . HOH B 2 .  ? 3.118   6.107   5.363   0.61 15.77 ? 133 HOH A O     1 
HETATM 307 O O     . HOH B 2 .  ? 10.470  7.320   9.388   1.00 21.84 ? 134 HOH A O     1 
HETATM 308 O O     . HOH B 2 .  ? 1.154   -5.172  3.204   0.38 11.58 ? 135 HOH A O     1 
HETATM 309 O O     . HOH B 2 .  ? 16.882  -0.206  -1.416  0.26 12.77 ? 136 HOH A O     1 
HETATM 310 O O     . HOH B 2 .  ? -8.806  -8.666  -6.994  0.93 27.50 ? 137 HOH A O     1 
HETATM 311 O O     . HOH B 2 .  ? -11.035 -6.962  -13.062 0.45 21.56 ? 138 HOH A O     1 
HETATM 312 O O     . HOH B 2 .  ? 16.246  5.186   -2.519  0.53 22.60 ? 139 HOH A O     1 
HETATM 313 O O     . HOH B 2 .  ? 18.807  7.834   8.823   0.58 18.55 ? 140 HOH A O     1 
HETATM 314 O O     . HOH B 2 .  ? -15.921 -5.768  -9.740  0.67 19.76 ? 141 HOH A O     1 
HETATM 315 O O     . HOH B 2 .  ? 7.356   10.136  2.140   0.39 18.18 ? 142 HOH A O     1 
HETATM 316 O O     . HOH B 2 .  ? 21.794  1.512   -0.195  0.43 14.82 ? 143 HOH A O     1 
HETATM 317 O O     . HOH B 2 .  ? -6.397  -0.200  -4.060  0.66 23.86 ? 144 HOH A O     1 
HETATM 318 O O     . HOH B 2 .  ? -6.317  -5.209  7.353   0.59 26.76 ? 145 HOH A O     1 
HETATM 319 O O     . HOH B 2 .  ? -12.099 -3.634  5.945   0.98 25.91 ? 146 HOH A O     1 
HETATM 320 O O     . HOH B 2 .  ? -4.418  -1.560  -3.710  0.39 18.96 ? 147 HOH A O     1 
HETATM 321 O O     . HOH B 2 .  ? 9.157   2.600   12.316  0.18 17.49 ? 148 HOH A O     1 
HETATM 322 O O     . HOH B 2 .  ? -9.141  2.319   -13.116 0.60 17.62 ? 149 HOH A O     1 
HETATM 323 O O     . HOH B 2 .  ? -2.171  -7.984  -1.734  0.65 19.38 ? 150 HOH A O     1 
HETATM 324 O O     . HOH B 2 .  ? -15.576 -6.885  -12.917 1.00 31.33 ? 151 HOH A O     1 
HETATM 325 O O     . HOH B 2 .  ? -3.997  -4.717  -4.976  0.50 23.15 ? 152 HOH A O     1 
HETATM 326 O O     . HOH B 2 .  ? -12.840 0.507   6.039   0.70 29.67 ? 153 HOH A O     1 
HETATM 327 O O     . HOH B 2 .  ? 9.816   5.906   -1.095  0.44 29.10 ? 154 HOH A O     1 
HETATM 328 O O     . HOH B 2 .  ? 0.970   -6.904  -0.733  0.39 18.55 ? 155 HOH A O     1 
HETATM 329 O O     . HOH B 2 .  ? -14.898 -8.947  -6.606  0.39 11.11 ? 156 HOH A O     1 
HETATM 330 O O     . HOH B 2 .  ? -8.364  -3.455  -12.183 0.60 22.52 ? 157 HOH A O     1 
HETATM 331 O O     . HOH B 2 .  ? 1.627   -1.725  0.203   0.56 26.91 ? 158 HOH A O     1 
HETATM 332 O O     . HOH B 2 .  ? -13.095 6.071   -8.390  0.45 15.08 ? 159 HOH A O     1 
HETATM 333 O O     . HOH B 2 .  ? -1.936  -6.964  4.806   0.36 14.36 ? 160 HOH A O     1 
HETATM 334 O O     . HOH B 2 .  ? 10.115  -1.379  5.583   0.86 25.94 ? 161 HOH A O     1 
HETATM 335 O O     . HOH B 2 .  ? 6.910   -2.000  7.542   0.38 17.95 ? 162 HOH A O     1 
HETATM 336 O O     . HOH B 2 .  ? 10.507  5.011   -3.036  0.62 21.94 ? 163 HOH A O     1 
HETATM 337 O O     . HOH B 2 .  ? -7.578  -0.582  -6.960  0.62 21.12 ? 164 HOH A O     1 
HETATM 338 O O     . HOH B 2 .  ? -6.017  -8.514  -4.615  1.00 32.82 ? 165 HOH A O     1 
HETATM 339 O O     . HOH B 2 .  ? -3.625  -7.462  -3.435  1.00 42.75 ? 166 HOH A O     1 
HETATM 340 O O     . HOH B 2 .  ? 23.513  3.702   1.070   0.35 34.24 ? 167 HOH A O     1 
HETATM 341 O O     . HOH B 2 .  ? 12.717  8.597   2.614   0.53 21.50 ? 168 HOH A O     1 
HETATM 342 O O     . HOH B 2 .  ? 12.715  7.039   9.793   0.82 31.22 ? 169 HOH A O     1 
HETATM 343 O O     . HOH B 2 .  ? 20.027  -0.662  -0.074  0.94 22.47 ? 170 HOH A O     1 
HETATM 344 O O     . HOH B 2 .  ? 18.674  -1.313  -2.257  0.29 8.66  ? 171 HOH A O     1 
HETATM 345 O O     . HOH B 2 .  ? 14.952  8.846   8.477   0.38 24.30 ? 172 HOH A O     1 
HETATM 346 O O     . HOH B 2 .  ? 5.058   7.925   4.697   1.00 32.07 ? 173 HOH A O     1 
HETATM 347 O O     . HOH B 2 .  ? 0.823   8.856   7.902   1.00 51.29 ? 174 HOH A O     1 
HETATM 348 O O     . HOH B 2 .  ? 2.841   1.314   11.966  1.00 45.40 ? 175 HOH A O     1 
HETATM 349 O O     . HOH B 2 .  ? -1.553  -9.395  2.121   0.29 19.11 ? 176 HOH A O     1 
HETATM 350 O O     . HOH B 2 .  ? -11.000 -10.104 -2.393  0.45 25.35 ? 177 HOH A O     1 
HETATM 351 O O     . HOH B 2 .  ? -3.865  -2.432  -8.410  0.44 18.80 ? 178 HOH A O     1 
HETATM 352 O O     . HOH B 2 .  ? -10.966 5.224   -10.712 0.38 15.70 ? 179 HOH A O     1 
HETATM 353 O O     . HOH B 2 .  ? -8.781  -6.026  -12.377 1.00 37.17 ? 180 HOH A O     1 
# 
loop_
_atom_site_anisotrop.id 
_atom_site_anisotrop.type_symbol 
_atom_site_anisotrop.pdbx_label_atom_id 
_atom_site_anisotrop.pdbx_label_alt_id 
_atom_site_anisotrop.pdbx_label_comp_id 
_atom_site_anisotrop.pdbx_label_asym_id 
_atom_site_anisotrop.pdbx_label_seq_id 
_atom_site_anisotrop.pdbx_PDB_ins_code 
_atom_site_anisotrop.U[1][1] 
_atom_site_anisotrop.U[2][2] 
_atom_site_anisotrop.U[3][3] 
_atom_site_anisotrop.U[1][2] 
_atom_site_anisotrop.U[1][3] 
_atom_site_anisotrop.U[2][3] 
_atom_site_anisotrop.pdbx_auth_seq_id 
_atom_site_anisotrop.pdbx_auth_comp_id 
_atom_site_anisotrop.pdbx_auth_asym_id 
_atom_site_anisotrop.pdbx_auth_atom_id 
1   O "O5'" . DC  A 1  ? 0.1070 0.1657 0.0942 0.0034  0.0134  0.0262  1   DC  A "O5'" 
2   C "C5'" . DC  A 1  ? 0.0843 0.1579 0.0823 -0.0064 -0.0030 0.0474  1   DC  A "C5'" 
3   C "C4'" . DC  A 1  ? 0.0701 0.1140 0.0744 -0.0092 -0.0090 0.0322  1   DC  A "C4'" 
4   O "O4'" . DC  A 1  ? 0.0629 0.1285 0.0803 -0.0123 -0.0192 0.0385  1   DC  A "O4'" 
5   C "C3'" . DC  A 1  ? 0.0639 0.1303 0.0789 -0.0130 -0.0117 0.0318  1   DC  A "C3'" 
6   O "O3'" . DC  A 1  ? 0.0786 0.1240 0.0834 -0.0200 -0.0115 0.0312  1   DC  A "O3'" 
7   C "C2'" . DC  A 1  ? 0.0607 0.1318 0.0824 -0.0094 -0.0152 0.0338  1   DC  A "C2'" 
8   C "C1'" . DC  A 1  ? 0.0546 0.1214 0.0740 -0.0087 -0.0098 0.0343  1   DC  A "C1'" 
9   N N1    . DC  A 1  ? 0.0584 0.1176 0.0808 -0.0076 -0.0088 0.0283  1   DC  A N1    
10  C C2    . DC  A 1  ? 0.0557 0.1184 0.0836 -0.0071 -0.0114 0.0283  1   DC  A C2    
11  O O2    . DC  A 1  ? 0.0825 0.1171 0.0813 -0.0096 -0.0062 0.0286  1   DC  A O2    
12  N N3    . DC  A 1  ? 0.0637 0.1111 0.0941 -0.0027 -0.0154 0.0178  1   DC  A N3    
13  C C4    . DC  A 1  ? 0.0595 0.1225 0.1054 -0.0043 -0.0112 0.0136  1   DC  A C4    
14  N N4    . DC  A 1  ? 0.0772 0.1366 0.1206 -0.0060 -0.0126 0.0085  1   DC  A N4    
15  C C5    . DC  A 1  ? 0.0782 0.1393 0.0885 -0.0023 -0.0032 0.0076  1   DC  A C5    
16  C C6    . DC  A 1  ? 0.0716 0.1337 0.0819 -0.0084 0.0010  0.0251  1   DC  A C6    
17  P P     . DG  A 2  ? 0.0918 0.1297 0.0876 -0.0309 -0.0206 0.0216  2   DG  A P     
18  O OP1   . DG  A 2  ? 0.0936 0.1546 0.1311 -0.0495 -0.0284 0.0240  2   DG  A OP1   
19  O OP2   . DG  A 2  ? 0.1363 0.1500 0.0878 -0.0277 -0.0202 0.0127  2   DG  A OP2   
20  O "O5'" . DG  A 2  ? 0.0769 0.1148 0.0894 -0.0309 -0.0113 0.0247  2   DG  A "O5'" 
21  C "C5'" . DG  A 2  ? 0.0766 0.1118 0.0884 -0.0229 -0.0007 0.0262  2   DG  A "C5'" 
22  C "C4'" . DG  A 2  ? 0.0816 0.0914 0.1094 -0.0201 -0.0037 0.0274  2   DG  A "C4'" 
23  O "O4'" . DG  A 2  ? 0.0737 0.1170 0.0954 -0.0307 -0.0171 0.0322  2   DG  A "O4'" 
24  C "C3'" . DG  A 2  ? 0.0750 0.0911 0.1507 -0.0109 -0.0029 0.0405  2   DG  A "C3'" 
25  O "O3'" . DG  A 2  ? 0.0934 0.0925 0.1740 -0.0072 0.0109  0.0231  2   DG  A "O3'" 
26  C "C2'" . DG  A 2  ? 0.0740 0.0960 0.1658 -0.0178 -0.0265 0.0352  2   DG  A "C2'" 
27  C "C1'" . DG  A 2  ? 0.0829 0.1108 0.1033 -0.0282 -0.0265 0.0426  2   DG  A "C1'" 
28  N N9    . DG  A 2  ? 0.0787 0.1194 0.0883 -0.0212 -0.0217 0.0377  2   DG  A N9    
29  C C8    . DG  A 2  ? 0.0967 0.1399 0.0815 -0.0206 -0.0219 0.0402  2   DG  A C8    
30  N N7    . DG  A 2  ? 0.1101 0.1491 0.0689 -0.0256 -0.0181 0.0274  2   DG  A N7    
31  C C5    . DG  A 2  ? 0.0746 0.1284 0.0714 -0.0156 -0.0167 0.0265  2   DG  A C5    
32  C C6    . DG  A 2  ? 0.0761 0.1181 0.0725 -0.0091 -0.0104 0.0178  2   DG  A C6    
33  O O6    . DG  A 2  ? 0.1121 0.1311 0.0696 -0.0034 -0.0092 0.0122  2   DG  A O6    
34  N N1    . DG  A 2  ? 0.0634 0.1117 0.0719 -0.0125 -0.0092 0.0239  2   DG  A N1    
35  C C2    . DG  A 2  ? 0.0543 0.1001 0.0759 -0.0105 -0.0044 0.0230  2   DG  A C2    
36  N N2    . DG  A 2  ? 0.0720 0.0951 0.0863 -0.0090 0.0098  0.0265  2   DG  A N2    
37  N N3    . DG  A 2  ? 0.0571 0.1006 0.0846 -0.0114 -0.0084 0.0281  2   DG  A N3    
38  C C4    . DG  A 2  ? 0.0638 0.1078 0.0824 -0.0173 -0.0186 0.0310  2   DG  A C4    
39  P P     A DC  A 3  ? 0.0835 0.1074 0.1324 -0.0074 -0.0072 0.0037  3   DC  A P     
40  P P     B DC  A 3  ? 0.1085 0.1153 0.1484 -0.0041 -0.0055 0.0058  3   DC  A P     
41  O OP1   A DC  A 3  ? 0.1124 0.1195 0.1708 0.0041  -0.0048 -0.0278 3   DC  A OP1   
42  O OP1   B DC  A 3  ? 0.1195 0.1668 0.1390 0.0167  0.0198  0.0194  3   DC  A OP1   
43  O OP2   A DC  A 3  ? 0.1057 0.1496 0.1429 -0.0112 -0.0225 0.0209  3   DC  A OP2   
44  O OP2   B DC  A 3  ? 0.1291 0.0935 0.1456 0.0065  0.0143  0.0273  3   DC  A OP2   
45  O "O5'" . DC  A 3  ? 0.0821 0.1090 0.1441 -0.0006 -0.0069 0.0024  3   DC  A "O5'" 
46  C "C5'" . DC  A 3  ? 0.0768 0.1134 0.1523 0.0037  -0.0109 -0.0045 3   DC  A "C5'" 
47  C "C4'" . DC  A 3  ? 0.0657 0.1220 0.1398 -0.0036 -0.0062 -0.0022 3   DC  A "C4'" 
48  O "O4'" . DC  A 3  ? 0.0720 0.1140 0.1568 -0.0017 -0.0283 -0.0112 3   DC  A "O4'" 
49  C "C3'" . DC  A 3  ? 0.0854 0.1113 0.1349 -0.0151 -0.0027 0.0101  3   DC  A "C3'" 
50  O "O3'" . DC  A 3  ? 0.1118 0.1324 0.1434 -0.0119 0.0273  0.0044  3   DC  A "O3'" 
51  C "C2'" . DC  A 3  ? 0.0699 0.1155 0.1197 -0.0130 -0.0100 0.0152  3   DC  A "C2'" 
52  C "C1'" . DC  A 3  ? 0.0629 0.1064 0.1397 -0.0126 -0.0106 -0.0044 3   DC  A "C1'" 
53  N N1    . DC  A 3  ? 0.0618 0.1016 0.1280 -0.0138 -0.0195 0.0048  3   DC  A N1    
54  C C2    . DC  A 3  ? 0.0609 0.1077 0.1071 -0.0053 -0.0191 -0.0010 3   DC  A C2    
55  O O2    . DC  A 3  ? 0.0953 0.1050 0.1140 -0.0049 -0.0049 0.0114  3   DC  A O2    
56  N N3    . DC  A 3  ? 0.0688 0.1034 0.1028 -0.0114 -0.0191 0.0116  3   DC  A N3    
57  C C4    . DC  A 3  ? 0.0626 0.1135 0.1131 -0.0151 -0.0260 0.0148  3   DC  A C4    
58  N N4    . DC  A 3  ? 0.0903 0.1212 0.1104 -0.0261 -0.0258 0.0281  3   DC  A N4    
59  C C5    . DC  A 3  ? 0.0867 0.1076 0.1332 -0.0274 -0.0250 0.0239  3   DC  A C5    
60  C C6    . DC  A 3  ? 0.0700 0.1108 0.1430 -0.0132 -0.0167 0.0013  3   DC  A C6    
61  P P     . DG  A 4  ? 0.1440 0.2092 0.1268 -0.0154 0.0036  -0.0125 4   DG  A P     
62  O OP1   . DG  A 4  ? 0.1363 0.3118 0.1416 -0.0112 -0.0130 -0.0650 4   DG  A OP1   
63  O OP2   . DG  A 4  ? 0.2235 0.2614 0.1562 0.0154  0.0542  0.0438  4   DG  A OP2   
64  O "O5'" . DG  A 4  ? 0.1065 0.1791 0.1712 -0.0169 0.0207  -0.0427 4   DG  A "O5'" 
65  C "C5'" . DG  A 4  ? 0.1179 0.1955 0.1901 -0.0416 0.0409  -0.0707 4   DG  A "C5'" 
66  C "C4'" . DG  A 4  ? 0.0882 0.2369 0.2369 -0.0258 -0.0046 -0.1176 4   DG  A "C4'" 
67  O "O4'" . DG  A 4  ? 0.1030 0.1702 0.2531 0.0039  -0.0384 -0.0912 4   DG  A "O4'" 
68  C "C3'" . DG  A 4  ? 0.0927 0.3085 0.2112 -0.0406 0.0297  -0.1430 4   DG  A "C3'" 
69  O "O3'" A DG  A 4  ? 0.0978 0.2904 0.2368 -0.0289 0.0418  -0.1631 4   DG  A "O3'" 
70  O "O3'" B DG  A 4  ? 0.0953 0.3003 0.2755 0.0017  0.0168  -0.1746 4   DG  A "O3'" 
71  C "C2'" . DG  A 4  ? 0.0948 0.3111 0.2466 0.0171  -0.0188 -0.1487 4   DG  A "C2'" 
72  C "C1'" . DG  A 4  ? 0.1066 0.2312 0.2659 0.0358  -0.0471 -0.1174 4   DG  A "C1'" 
73  N N9    . DG  A 4  ? 0.0969 0.1936 0.2535 0.0290  -0.0514 -0.0929 4   DG  A N9    
74  C C8    . DG  A 4  ? 0.1430 0.1702 0.2833 0.0507  -0.0809 -0.0731 4   DG  A C8    
75  N N7    . DG  A 4  ? 0.1380 0.1574 0.2450 0.0269  -0.0806 -0.0352 4   DG  A N7    
76  C C5    . DG  A 4  ? 0.0996 0.1399 0.2085 0.0055  -0.0636 -0.0437 4   DG  A C5    
77  C C6    . DG  A 4  ? 0.0743 0.1607 0.1792 -0.0009 -0.0358 -0.0183 4   DG  A C6    
78  O O6    . DG  A 4  ? 0.1040 0.1359 0.1833 -0.0077 -0.0451 0.0020  4   DG  A O6    
79  N N1    . DG  A 4  ? 0.0769 0.1453 0.1622 -0.0150 -0.0273 -0.0359 4   DG  A N1    
80  C C2    . DG  A 4  ? 0.0529 0.1645 0.1603 -0.0088 -0.0062 -0.0537 4   DG  A C2    
81  N N2    . DG  A 4  ? 0.0746 0.1632 0.1614 -0.0286 0.0163  -0.0515 4   DG  A N2    
82  N N3    . DG  A 4  ? 0.0676 0.1693 0.2023 -0.0084 -0.0143 -0.0841 4   DG  A N3    
83  C C4    . DG  A 4  ? 0.0756 0.1770 0.2049 0.0187  -0.0448 -0.0701 4   DG  A C4    
84  P P     A DC  A 5  ? 0.0932 0.2994 0.1251 -0.0271 0.0147  -0.0788 5   DC  A P     
85  P P     B DC  A 5  ? 0.1025 0.2576 0.2369 0.0107  0.0153  -0.1194 5   DC  A P     
86  O OP1   A DC  A 5  ? 0.1370 0.3529 0.1006 -0.0145 0.0217  -0.0617 5   DC  A OP1   
87  O OP1   B DC  A 5  ? 0.1006 0.2060 0.6837 0.0221  -0.0233 -0.0100 5   DC  A OP1   
88  O OP2   A DC  A 5  ? 0.1534 0.3183 0.1658 0.0045  0.0284  -0.0367 5   DC  A OP2   
89  O OP2   B DC  A 5  ? 0.1786 0.5388 0.2599 -0.0952 0.1000  -0.2310 5   DC  A OP2   
90  O "O5'" A DC  A 5  ? 0.0865 0.3804 0.0976 -0.0870 0.0191  -0.0436 5   DC  A "O5'" 
91  O "O5'" B DC  A 5  ? 0.0978 0.2040 0.1298 0.0047  0.0019  -0.0434 5   DC  A "O5'" 
92  C "C5'" A DC  A 5  ? 0.0889 0.2646 0.1130 -0.0545 0.0161  -0.0344 5   DC  A "C5'" 
93  C "C5'" B DC  A 5  ? 0.0897 0.3260 0.1545 -0.0496 0.0454  -0.1063 5   DC  A "C5'" 
94  C "C4'" . DC  A 5  ? 0.0654 0.2274 0.1120 -0.0253 0.0168  -0.0233 5   DC  A "C4'" 
95  O "O4'" . DC  A 5  ? 0.0611 0.1639 0.1254 -0.0105 0.0135  -0.0237 5   DC  A "O4'" 
96  C "C3'" . DC  A 5  ? 0.0775 0.2782 0.1077 0.0008  0.0168  0.0280  5   DC  A "C3'" 
97  O "O3'" . DC  A 5  ? 0.0932 0.2342 0.1325 0.0192  0.0283  0.0538  5   DC  A "O3'" 
98  C "C2'" . DC  A 5  ? 0.0613 0.2347 0.1143 0.0059  0.0060  0.0230  5   DC  A "C2'" 
99  C "C1'" . DC  A 5  ? 0.0595 0.1549 0.0980 -0.0040 0.0053  -0.0068 5   DC  A "C1'" 
100 N N1    . DC  A 5  ? 0.0622 0.1432 0.1020 -0.0091 0.0015  -0.0147 5   DC  A N1    
101 C C2    . DC  A 5  ? 0.0560 0.1335 0.0949 -0.0067 -0.0012 -0.0045 5   DC  A C2    
102 O O2    . DC  A 5  ? 0.0774 0.1229 0.1028 -0.0076 0.0148  0.0020  5   DC  A O2    
103 N N3    . DC  A 5  ? 0.0607 0.1244 0.1033 -0.0087 -0.0101 0.0012  5   DC  A N3    
104 C C4    . DC  A 5  ? 0.0579 0.1319 0.1238 -0.0072 -0.0167 0.0038  5   DC  A C4    
105 N N4    . DC  A 5  ? 0.0778 0.1253 0.1477 -0.0156 -0.0180 0.0141  5   DC  A N4    
106 C C5    . DC  A 5  ? 0.0786 0.1289 0.1530 -0.0095 -0.0083 -0.0203 5   DC  A C5    
107 C C6    . DC  A 5  ? 0.0721 0.1421 0.1331 -0.0120 -0.0017 -0.0242 5   DC  A C6    
108 P P     . DG  A 6  ? 0.1052 0.2910 0.2072 0.0470  0.0457  0.1204  6   DG  A P     
109 O OP1   . DG  A 6  ? 0.1167 0.5012 0.2589 0.0825  0.0436  0.2256  6   DG  A OP1   
110 O OP2   . DG  A 6  ? 0.3071 0.2081 0.3190 0.1039  0.1631  0.0738  6   DG  A OP2   
111 O "O5'" . DG  A 6  ? 0.0949 0.2330 0.1226 0.0149  0.0163  0.0559  6   DG  A "O5'" 
112 C "C5'" . DG  A 6  ? 0.0875 0.1568 0.1000 -0.0078 0.0136  0.0200  6   DG  A "C5'" 
113 C "C4'" . DG  A 6  ? 0.0808 0.1475 0.0693 -0.0256 0.0026  0.0097  6   DG  A "C4'" 
114 O "O4'" . DG  A 6  ? 0.0802 0.1570 0.0851 -0.0312 -0.0030 0.0020  6   DG  A "O4'" 
115 C "C3'" . DG  A 6  ? 0.0749 0.1405 0.0611 -0.0230 0.0038  0.0043  6   DG  A "C3'" 
116 O "O3'" . DG  A 6  ? 0.0999 0.1513 0.0697 -0.0383 0.0023  0.0171  6   DG  A "O3'" 
117 C "C2'" . DG  A 6  ? 0.0733 0.1514 0.0812 -0.0227 0.0101  -0.0084 6   DG  A "C2'" 
118 C "C1'" . DG  A 6  ? 0.0876 0.1391 0.0772 -0.0251 0.0192  -0.0066 6   DG  A "C1'" 
119 N N9    . DG  A 6  ? 0.0795 0.1369 0.0840 -0.0229 0.0197  -0.0083 6   DG  A N9    
120 C C8    . DG  A 6  ? 0.1157 0.1409 0.1141 -0.0298 0.0446  -0.0274 6   DG  A C8    
121 N N7    . DG  A 6  ? 0.1298 0.1334 0.1151 -0.0295 0.0434  -0.0237 6   DG  A N7    
122 C C5    . DG  A 6  ? 0.0966 0.1289 0.1150 -0.0233 0.0327  -0.0164 6   DG  A C5    
123 C C6    . DG  A 6  ? 0.1092 0.1197 0.1008 -0.0197 0.0294  -0.0049 6   DG  A C6    
124 O O6    . DG  A 6  ? 0.1479 0.1164 0.1254 -0.0117 0.0431  0.0013  6   DG  A O6    
125 N N1    . DG  A 6  ? 0.0784 0.1237 0.0802 -0.0123 0.0132  0.0051  6   DG  A N1    
126 C C2    . DG  A 6  ? 0.0664 0.1216 0.0676 -0.0171 0.0069  0.0042  6   DG  A C2    
127 N N2    . DG  A 6  ? 0.0772 0.1117 0.0692 -0.0231 0.0092  0.0054  6   DG  A N2    
128 N N3    . DG  A 6  ? 0.0649 0.1263 0.0717 -0.0181 0.0118  -0.0007 6   DG  A N3    
129 C C4    . DG  A 6  ? 0.0750 0.1254 0.0795 -0.0122 0.0139  -0.0070 6   DG  A C4    
130 P P     . DC  A 7  ? 0.0926 0.1712 0.0738 -0.0489 0.0178  -0.0069 7   DC  A P     
131 O OP1   . DC  A 7  ? 0.0775 0.2517 0.1800 0.0020  -0.0063 -0.0972 7   DC  A OP1   
132 O OP2   . DC  A 7  ? 0.2245 0.2605 0.0860 -0.1539 0.0218  0.0084  7   DC  A OP2   
133 O "O5'" . DC  A 7  ? 0.0706 0.1384 0.0680 -0.0230 0.0045  0.0048  7   DC  A "O5'" 
134 C "C5'" . DC  A 7  ? 0.0773 0.1199 0.0702 -0.0315 0.0071  0.0124  7   DC  A "C5'" 
135 C "C4'" . DC  A 7  ? 0.0701 0.1183 0.0681 -0.0280 0.0026  0.0095  7   DC  A "C4'" 
136 O "O4'" . DC  A 7  ? 0.0567 0.1292 0.0875 -0.0191 -0.0038 0.0276  7   DC  A "O4'" 
137 C "C3'" . DC  A 7  ? 0.0669 0.1217 0.0841 -0.0183 0.0076  0.0122  7   DC  A "C3'" 
138 O "O3'" . DC  A 7  ? 0.0895 0.1289 0.1044 -0.0328 0.0282  -0.0086 7   DC  A "O3'" 
139 C "C2'" . DC  A 7  ? 0.0562 0.1215 0.0822 -0.0163 0.0017  0.0145  7   DC  A "C2'" 
140 C "C1'" . DC  A 7  ? 0.0622 0.1242 0.0667 -0.0185 -0.0018 0.0204  7   DC  A "C1'" 
141 N N1    . DC  A 7  ? 0.0572 0.1232 0.0744 -0.0144 -0.0036 0.0238  7   DC  A N1    
142 C C2    . DC  A 7  ? 0.0610 0.1286 0.0769 -0.0087 0.0018  0.0232  7   DC  A C2    
143 O O2    . DC  A 7  ? 0.0809 0.1177 0.0774 -0.0171 0.0064  0.0216  7   DC  A O2    
144 N N3    . DC  A 7  ? 0.0763 0.1230 0.0818 -0.0062 0.0115  0.0209  7   DC  A N3    
145 C C4    . DC  A 7  ? 0.0743 0.1299 0.0877 0.0002  0.0071  0.0216  7   DC  A C4    
146 N N4    . DC  A 7  ? 0.1036 0.1241 0.1075 -0.0007 0.0226  0.0092  7   DC  A N4    
147 C C5    . DC  A 7  ? 0.0706 0.1307 0.0822 -0.0026 0.0085  0.0158  7   DC  A C5    
148 C C6    . DC  A 7  ? 0.0604 0.1352 0.0780 -0.0101 0.0021  0.0226  7   DC  A C6    
149 P P     A DG  A 8  ? 0.0794 0.1167 0.1225 -0.0044 0.0090  0.0096  8   DG  A P     
150 P P     B DG  A 8  ? 0.0770 0.1636 0.1318 -0.0373 0.0305  -0.0345 8   DG  A P     
151 O OP1   A DG  A 8  ? 0.0688 0.1403 0.1722 -0.0045 -0.0036 0.0128  8   DG  A OP1   
152 O OP1   B DG  A 8  ? 0.0606 0.1885 0.2663 0.0153  0.0083  -0.0471 8   DG  A OP1   
153 O OP2   A DG  A 8  ? 0.0893 0.1318 0.1499 -0.0006 0.0183  -0.0172 8   DG  A OP2   
154 O OP2   B DG  A 8  ? 0.1415 0.3437 0.1443 -0.1150 0.0699  -0.1170 8   DG  A OP2   
155 O "O5'" . DG  A 8  ? 0.0775 0.1176 0.1317 -0.0140 0.0011  0.0062  8   DG  A "O5'" 
156 C "C5'" . DG  A 8  ? 0.0921 0.1147 0.1036 -0.0242 0.0101  0.0123  8   DG  A "C5'" 
157 C "C4'" . DG  A 8  ? 0.0795 0.1152 0.1068 -0.0229 -0.0097 0.0349  8   DG  A "C4'" 
158 O "O4'" . DG  A 8  ? 0.0729 0.1547 0.0839 -0.0167 -0.0066 0.0380  8   DG  A "O4'" 
159 C "C3'" . DG  A 8  ? 0.1055 0.1018 0.0978 -0.0236 -0.0202 0.0326  8   DG  A "C3'" 
160 O "O3'" . DG  A 8  ? 0.1173 0.1058 0.1198 -0.0155 -0.0366 0.0265  8   DG  A "O3'" 
161 C "C2'" . DG  A 8  ? 0.0829 0.1298 0.1207 -0.0230 -0.0124 0.0433  8   DG  A "C2'" 
162 C "C1'" . DG  A 8  ? 0.0762 0.1342 0.1054 -0.0226 0.0045  0.0482  8   DG  A "C1'" 
163 N N9    . DG  A 8  ? 0.0706 0.1518 0.0914 -0.0265 0.0039  0.0352  8   DG  A N9    
164 C C8    . DG  A 8  ? 0.0875 0.1732 0.1060 -0.0326 0.0192  0.0364  8   DG  A C8    
165 N N7    . DG  A 8  ? 0.0870 0.1936 0.0886 -0.0280 0.0235  0.0151  8   DG  A N7    
166 C C5    . DG  A 8  ? 0.0687 0.1529 0.0806 -0.0150 0.0087  0.0206  8   DG  A C5    
167 C C6    . DG  A 8  ? 0.0632 0.1484 0.0797 -0.0066 0.0016  0.0039  8   DG  A C6    
168 O O6    . DG  A 8  ? 0.0785 0.1586 0.0996 0.0001  0.0037  0.0027  8   DG  A O6    
169 N N1    . DG  A 8  ? 0.0618 0.1262 0.0821 -0.0056 -0.0054 0.0187  8   DG  A N1    
170 C C2    . DG  A 8  ? 0.0606 0.1179 0.0766 -0.0081 -0.0091 0.0193  8   DG  A C2    
171 N N2    . DG  A 8  ? 0.0856 0.1044 0.0749 -0.0082 -0.0076 0.0234  8   DG  A N2    
172 N N3    . DG  A 8  ? 0.0636 0.1169 0.0763 -0.0171 -0.0044 0.0239  8   DG  A N3    
173 C C4    . DG  A 8  ? 0.0611 0.1327 0.0807 -0.0162 0.0008  0.0246  8   DG  A C4    
174 P P     A DC  A 9  ? 0.0909 0.1505 0.0818 0.0263  -0.0119 -0.0027 9   DC  A P     
175 P P     B DC  A 9  ? 0.1552 0.1040 0.1736 -0.0451 -0.0793 0.0547  9   DC  A P     
176 O OP1   A DC  A 9  ? 0.1777 0.1475 0.1214 0.0688  -0.0110 -0.0280 9   DC  A OP1   
177 O OP1   B DC  A 9  ? 0.1536 0.2366 0.1989 -0.1090 -0.0776 0.1298  9   DC  A OP1   
178 O OP2   A DC  A 9  ? 0.0921 0.2651 0.0826 0.0105  0.0041  -0.0082 9   DC  A OP2   
179 O OP2   B DC  A 9  ? 0.3144 0.0906 0.2966 -0.0183 -0.1746 -0.0058 9   DC  A OP2   
180 O "O5'" . DC  A 9  ? 0.0914 0.1035 0.1015 -0.0109 -0.0227 0.0154  9   DC  A "O5'" 
181 C "C5'" . DC  A 9  ? 0.0918 0.1150 0.0968 -0.0060 -0.0228 0.0062  9   DC  A "C5'" 
182 C "C4'" . DC  A 9  ? 0.0899 0.1214 0.0831 -0.0115 -0.0178 0.0157  9   DC  A "C4'" 
183 O "O4'" . DC  A 9  ? 0.0824 0.1128 0.1142 0.0024  -0.0286 0.0125  9   DC  A "O4'" 
184 C "C3'" . DC  A 9  ? 0.0936 0.1418 0.1050 -0.0180 -0.0060 0.0199  9   DC  A "C3'" 
185 O "O3'" . DC  A 9  ? 0.1620 0.1832 0.1051 -0.0605 -0.0041 0.0286  9   DC  A "O3'" 
186 C "C2'" . DC  A 9  ? 0.0918 0.1231 0.1060 -0.0163 -0.0180 0.0235  9   DC  A "C2'" 
187 C "C1'" . DC  A 9  ? 0.0910 0.1040 0.1045 -0.0082 -0.0274 0.0287  9   DC  A "C1'" 
188 N N1    . DC  A 9  ? 0.0840 0.1014 0.1101 -0.0021 -0.0228 0.0224  9   DC  A N1    
189 C C2    . DC  A 9  ? 0.0824 0.1116 0.1291 0.0068  -0.0325 0.0173  9   DC  A C2    
190 O O2    . DC  A 9  ? 0.1189 0.1114 0.1406 -0.0103 -0.0294 0.0358  9   DC  A O2    
191 N N3    . DC  A 9  ? 0.0752 0.1241 0.1259 0.0047  -0.0242 0.0147  9   DC  A N3    
192 C C4    . DC  A 9  ? 0.0611 0.1402 0.1288 0.0115  -0.0235 0.0057  9   DC  A C4    
193 N N4    . DC  A 9  ? 0.0735 0.1592 0.1322 0.0145  -0.0105 0.0010  9   DC  A N4    
194 C C5    . DC  A 9  ? 0.0751 0.1307 0.1275 0.0053  -0.0113 0.0214  9   DC  A C5    
195 C C6    . DC  A 9  ? 0.0825 0.1158 0.1154 -0.0043 -0.0202 0.0260  9   DC  A C6    
196 P P     . DG  A 10 ? 0.1646 0.3021 0.1069 -0.0812 0.0248  0.0024  10  DG  A P     
197 O OP1   . DG  A 10 ? 0.0910 0.5370 0.1627 -0.0030 0.0212  -0.0290 10  DG  A OP1   
198 O OP2   . DG  A 10 ? 0.2878 0.4432 0.1401 -0.1939 0.0128  0.0831  10  DG  A OP2   
199 O "O5'" . DG  A 10 ? 0.1273 0.2310 0.0990 0.0013  -0.0025 -0.0093 10  DG  A "O5'" 
200 C "C5'" . DG  A 10 ? 0.1491 0.1757 0.0892 -0.0042 0.0018  0.0251  10  DG  A "C5'" 
201 C "C4'" . DG  A 10 ? 0.1222 0.1424 0.0801 0.0366  -0.0059 -0.0029 10  DG  A "C4'" 
202 O "O4'" . DG  A 10 ? 0.1088 0.1290 0.1031 0.0311  -0.0120 0.0145  10  DG  A "O4'" 
203 C "C3'" . DG  A 10 ? 0.1351 0.1508 0.0732 0.0538  -0.0137 -0.0049 10  DG  A "C3'" 
204 O "O3'" . DG  A 10 ? 0.1512 0.1638 0.0778 0.0629  -0.0124 0.0019  10  DG  A "O3'" 
205 C "C2'" . DG  A 10 ? 0.1308 0.1588 0.0977 0.0431  -0.0264 -0.0104 10  DG  A "C2'" 
206 C "C1'" . DG  A 10 ? 0.1078 0.1272 0.1102 0.0299  -0.0174 -0.0038 10  DG  A "C1'" 
207 N N9    . DG  A 10 ? 0.0979 0.1128 0.1007 0.0123  -0.0148 0.0109  10  DG  A N9    
208 C C8    . DG  A 10 ? 0.1067 0.1034 0.1296 0.0031  -0.0208 0.0140  10  DG  A C8    
209 N N7    . DG  A 10 ? 0.1020 0.1117 0.1210 0.0038  -0.0105 0.0220  10  DG  A N7    
210 C C5    . DG  A 10 ? 0.0804 0.1104 0.0930 0.0086  -0.0150 0.0126  10  DG  A C5    
211 C C6    . DG  A 10 ? 0.0777 0.1134 0.0829 0.0137  -0.0071 0.0143  10  DG  A C6    
212 O O6    . DG  A 10 ? 0.1027 0.1238 0.0922 0.0046  0.0067  0.0217  10  DG  A O6    
213 N N1    . DG  A 10 ? 0.0813 0.1027 0.0780 0.0124  -0.0121 0.0086  10  DG  A N1    
214 C C2    . DG  A 10 ? 0.0882 0.1053 0.0728 0.0188  -0.0158 0.0104  10  DG  A C2    
215 N N2    . DG  A 10 ? 0.1101 0.1058 0.0751 0.0075  -0.0148 0.0119  10  DG  A N2    
216 N N3    . DG  A 10 ? 0.0896 0.1103 0.0790 0.0227  -0.0202 0.0056  10  DG  A N3    
217 C C4    . DG  A 10 ? 0.0778 0.1042 0.0918 0.0136  -0.0191 0.0102  10  DG  A C4    
218 P P     A DC  A 11 ? 0.1160 0.1332 0.0703 0.0230  0.0035  0.0060  11  DC  A P     
219 P P     B DC  A 11 ? 0.1960 0.1753 0.0907 0.0787  -0.0441 -0.0191 11  DC  A P     
220 O OP1   A DC  A 11 ? 0.1641 0.1774 0.0567 0.0438  0.0044  -0.0085 11  DC  A OP1   
221 O OP1   B DC  A 11 ? 0.2323 0.1800 0.2657 -0.0005 -0.1471 0.0164  11  DC  A OP1   
222 O OP2   A DC  A 11 ? 0.1163 0.2259 0.1043 -0.0107 -0.0053 -0.0292 11  DC  A OP2   
223 O OP2   B DC  A 11 ? 0.3231 0.2940 0.0785 0.1823  -0.0343 -0.0493 11  DC  A OP2   
224 O "O5'" . DC  A 11 ? 0.1092 0.1494 0.0673 0.0322  -0.0082 0.0102  11  DC  A "O5'" 
225 C "C5'" . DC  A 11 ? 0.1128 0.1403 0.0607 0.0247  -0.0120 0.0014  11  DC  A "C5'" 
226 C "C4'" . DC  A 11 ? 0.1006 0.1301 0.0664 0.0110  -0.0144 0.0093  11  DC  A "C4'" 
227 O "O4'" . DC  A 11 ? 0.0759 0.1575 0.0687 0.0172  -0.0113 -0.0032 11  DC  A "O4'" 
228 C "C3'" . DC  A 11 ? 0.1194 0.1325 0.0695 -0.0033 -0.0094 0.0066  11  DC  A "C3'" 
229 O "O3'" A DC  A 11 ? 0.0987 0.1441 0.0759 -0.0135 0.0145  0.0119  11  DC  A "O3'" 
230 O "O3'" B DC  A 11 ? 0.0827 0.1254 0.0852 0.0050  0.0172  0.0101  11  DC  A "O3'" 
231 C "C2'" . DC  A 11 ? 0.0828 0.1351 0.0716 -0.0051 -0.0106 0.0032  11  DC  A "C2'" 
232 C "C1'" . DC  A 11 ? 0.0779 0.1241 0.0659 0.0159  -0.0095 0.0057  11  DC  A "C1'" 
233 N N1    . DC  A 11 ? 0.0707 0.1190 0.0700 0.0148  -0.0103 0.0052  11  DC  A N1    
234 C C2    . DC  A 11 ? 0.0614 0.1217 0.0678 0.0164  -0.0070 0.0099  11  DC  A C2    
235 O O2    . DC  A 11 ? 0.0869 0.1144 0.0688 0.0131  -0.0031 0.0096  11  DC  A O2    
236 N N3    . DC  A 11 ? 0.0660 0.1109 0.0749 0.0091  -0.0083 0.0124  11  DC  A N3    
237 C C4    . DC  A 11 ? 0.0587 0.1198 0.0929 0.0041  -0.0113 0.0081  11  DC  A C4    
238 N N4    . DC  A 11 ? 0.0809 0.1126 0.0981 0.0037  -0.0067 0.0100  11  DC  A N4    
239 C C5    . DC  A 11 ? 0.0716 0.1270 0.0973 0.0059  -0.0064 0.0016  11  DC  A C5    
240 C C6    . DC  A 11 ? 0.0784 0.1188 0.0899 0.0126  -0.0082 -0.0004 11  DC  A C6    
241 P P     A DG  A 12 ? 0.1100 0.1484 0.0935 -0.0052 0.0298  0.0161  12  DG  A P     
242 P P     B DG  A 12 ? 0.0900 0.1268 0.1200 0.0042  0.0239  0.0162  12  DG  A P     
243 O OP1   A DG  A 12 ? 0.0980 0.2125 0.1346 0.0044  0.0265  0.0303  12  DG  A OP1   
244 O OP1   B DG  A 12 ? 0.0998 0.1787 0.1448 -0.0327 0.0205  0.0063  12  DG  A OP1   
245 O OP2   A DG  A 12 ? 0.1624 0.1458 0.1312 -0.0098 0.0471  0.0201  12  DG  A OP2   
246 O OP2   B DG  A 12 ? 0.1678 0.1166 0.1808 -0.0053 0.0032  0.0087  12  DG  A OP2   
247 O "O5'" A DG  A 12 ? 0.1221 0.1889 0.0672 0.0241  0.0225  0.0179  12  DG  A "O5'" 
248 O "O5'" B DG  A 12 ? 0.1191 0.1077 0.1108 0.0171  0.0072  0.0403  12  DG  A "O5'" 
249 C "C5'" A DG  A 12 ? 0.1235 0.1124 0.1222 0.0279  0.0425  0.0330  12  DG  A "C5'" 
250 C "C5'" B DG  A 12 ? 0.1171 0.1146 0.1185 0.0312  0.0222  0.0296  12  DG  A "C5'" 
251 C "C4'" A DG  A 12 ? 0.1022 0.2672 0.1045 0.0215  0.0100  0.0701  12  DG  A "C4'" 
252 C "C4'" B DG  A 12 ? 0.0880 0.1991 0.1580 0.0280  0.0130  0.0043  12  DG  A "C4'" 
253 O "O4'" A DG  A 12 ? 0.0831 0.2555 0.0659 0.0241  0.0088  -0.0612 12  DG  A "O4'" 
254 O "O4'" B DG  A 12 ? 0.0865 0.1937 0.0576 0.0435  0.0039  -0.0446 12  DG  A "O4'" 
255 C "C3'" A DG  A 12 ? 0.1334 0.3460 0.1218 0.0345  0.0129  0.1141  12  DG  A "C3'" 
256 C "C3'" B DG  A 12 ? 0.1024 0.1940 0.1018 0.0444  0.0058  0.0490  12  DG  A "C3'" 
257 O "O3'" A DG  A 12 ? 0.1806 0.5157 0.1152 -0.0315 -0.0264 0.1497  12  DG  A "O3'" 
258 O "O3'" B DG  A 12 ? 0.1383 0.2280 0.1074 0.0720  0.0289  0.0666  12  DG  A "O3'" 
259 C "C2'" A DG  A 12 ? 0.0886 0.3034 0.0706 0.0385  -0.0043 0.0570  12  DG  A "C2'" 
260 C "C2'" B DG  A 12 ? 0.1270 0.2670 0.1211 0.0132  -0.0550 0.0145  12  DG  A "C2'" 
261 C "C1'" A DG  A 12 ? 0.0937 0.2829 0.0632 0.0150  -0.0259 -0.0023 12  DG  A "C1'" 
262 C "C1'" B DG  A 12 ? 0.0879 0.2384 0.0909 0.0047  0.0262  -0.0311 12  DG  A "C1'" 
263 N N9    . DG  A 12 ? 0.0894 0.2399 0.0735 0.0255  -0.0143 -0.0200 12  DG  A N9    
264 C C8    . DG  A 12 ? 0.0984 0.2505 0.0932 -0.0037 -0.0050 -0.0405 12  DG  A C8    
265 N N7    . DG  A 12 ? 0.0987 0.2341 0.1006 -0.0024 -0.0156 -0.0469 12  DG  A N7    
266 C C5    . DG  A 12 ? 0.0784 0.1943 0.0868 0.0234  -0.0180 -0.0282 12  DG  A C5    
267 C C6    . DG  A 12 ? 0.0797 0.1515 0.0975 0.0167  -0.0136 -0.0135 12  DG  A C6    
268 O O6    . DG  A 12 ? 0.1058 0.1515 0.1177 0.0062  -0.0108 -0.0200 12  DG  A O6    
269 N N1    . DG  A 12 ? 0.0765 0.1560 0.0750 0.0252  -0.0119 -0.0069 12  DG  A N1    
270 C C2    . DG  A 12 ? 0.0779 0.1542 0.0783 0.0415  -0.0068 0.0059  12  DG  A C2    
271 N N2    . DG  A 12 ? 0.1089 0.1400 0.0757 0.0448  0.0062  0.0202  12  DG  A N2    
272 N N3    . DG  A 12 ? 0.0833 0.1805 0.0708 0.0438  -0.0107 0.0091  12  DG  A N3    
273 C C4    . DG  A 12 ? 0.0724 0.2099 0.0775 0.0324  -0.0172 -0.0056 12  DG  A C4    
274 O O     . HOH B .  ? 0.1034 0.1444 0.1006 -0.0097 -0.0139 0.0245  101 HOH A O     
275 O O     . HOH B .  ? 0.0882 0.1170 0.0935 -0.0165 -0.0174 0.0214  102 HOH A O     
276 O O     . HOH B .  ? 0.1247 0.1341 0.0872 0.0010  -0.0027 0.0236  103 HOH A O     
277 O O     . HOH B .  ? 0.0975 0.1742 0.1766 -0.0019 -0.0018 0.0116  104 HOH A O     
278 O O     . HOH B .  ? 0.1817 0.1858 0.1947 -0.0589 -0.0775 0.0728  105 HOH A O     
279 O O     . HOH B .  ? 0.1526 0.1255 0.2491 -0.0134 -0.0476 0.0255  106 HOH A O     
280 O O     . HOH B .  ? 0.1404 0.2441 0.1190 0.0596  0.0142  0.0058  107 HOH A O     
281 O O     . HOH B .  ? 0.0815 0.2009 0.1036 -0.0157 -0.0015 0.0215  108 HOH A O     
282 O O     . HOH B .  ? 0.1217 0.2382 0.1480 -0.0323 -0.0122 0.0173  109 HOH A O     
283 O O     . HOH B .  ? 0.1222 0.2288 0.1438 0.0312  0.0096  0.0933  110 HOH A O     
284 O O     . HOH B .  ? 0.1366 0.4124 0.2605 0.0398  -0.0389 -0.1954 111 HOH A O     
285 O O     . HOH B .  ? 0.1264 0.1599 0.1304 -0.0043 -0.0038 0.0595  112 HOH A O     
286 O O     . HOH B .  ? 0.0995 0.1214 0.0782 -0.0125 0.0156  0.0131  113 HOH A O     
287 O O     . HOH B .  ? 0.2817 0.1911 0.1475 0.0298  -0.0419 0.0649  114 HOH A O     
288 O O     . HOH B .  ? 0.1541 0.1136 0.0906 0.0010  0.0133  0.0240  115 HOH A O     
289 O O     . HOH B .  ? 0.0947 0.3330 0.1323 -0.0134 0.0112  0.0399  116 HOH A O     
290 O O     . HOH B .  ? 0.3022 0.2257 0.0743 0.0793  -0.0287 -0.0271 117 HOH A O     
291 O O     . HOH B .  ? 0.1153 0.3999 0.2333 -0.0093 0.0002  0.1810  118 HOH A O     
292 O O     . HOH B .  ? 0.0866 0.1430 0.1036 -0.0012 0.0109  0.0064  119 HOH A O     
293 O O     . HOH B .  ? 0.2023 0.1512 0.1922 -0.0273 0.0974  -0.0225 120 HOH A O     
294 O O     . HOH B .  ? 0.1276 0.1730 0.2363 -0.0078 0.0087  0.0303  121 HOH A O     
295 O O     . HOH B .  ? 0.2328 0.2918 0.1673 0.0274  0.0432  -0.0668 122 HOH A O     
296 O O     . HOH B .  ? 0.0654 0.2473 0.0927 -0.0160 0.0073  -0.0435 123 HOH A O     
297 O O     . HOH B .  ? 0.3842 0.1335 0.3761 -0.0023 -0.2080 0.0396  124 HOH A O     
298 O O     . HOH B .  ? 0.1851 0.3794 0.1521 -0.0671 -0.0051 0.0395  125 HOH A O     
299 O O     . HOH B .  ? 0.2449 0.2218 0.1614 -0.0950 0.0975  -0.0453 126 HOH A O     
300 O O     . HOH B .  ? 0.1290 0.2159 0.1308 0.0147  0.0169  0.0100  127 HOH A O     
301 O O     . HOH B .  ? 0.2488 0.1613 0.1873 -0.0469 0.0003  0.0427  128 HOH A O     
302 O O     . HOH B .  ? 0.1539 0.2277 0.4249 -0.0739 -0.0298 0.0454  129 HOH A O     
303 O O     . HOH B .  ? 0.1045 0.1849 0.0821 0.0450  -0.0196 0.0187  130 HOH A O     
304 O O     . HOH B .  ? 0.1209 0.1987 0.0769 -0.0504 -0.0099 0.0314  131 HOH A O     
305 O O     . HOH B .  ? 0.1619 0.2707 0.1569 0.0757  -0.0073 -0.0618 132 HOH A O     
306 O O     . HOH B .  ? 0.1234 0.2257 0.2502 -0.0019 -0.0140 -0.0762 133 HOH A O     
307 O O     . HOH B .  ? 0.3144 0.1987 0.3166 -0.0510 -0.0363 -0.0563 134 HOH A O     
308 O O     . HOH B .  ? 0.1000 0.1444 0.1955 -0.0238 -0.0161 0.0083  135 HOH A O     
309 O O     . HOH B .  ? 0.0958 0.2975 0.0916 -0.0306 -0.0147 -0.0531 136 HOH A O     
310 O O     . HOH B .  ? 0.1850 0.1841 0.6759 0.0836  0.0342  -0.0063 137 HOH A O     
311 O O     . HOH B .  ? 0.3072 0.3158 0.1962 -0.1700 -0.0892 0.0734  138 HOH A O     
312 O O     . HOH B .  ? 0.2175 0.2860 0.3554 -0.0893 -0.1374 0.2363  139 HOH A O     
313 O O     . HOH B .  ? 0.3940 0.1697 0.1412 0.0520  0.0520  0.0104  140 HOH A O     
314 O O     . HOH B .  ? 0.2043 0.2618 0.2849 0.0691  -0.0345 -0.1173 141 HOH A O     
315 O O     . HOH B .  ? 0.4778 0.1278 0.0850 -0.1006 0.0014  0.0103  142 HOH A O     
316 O O     . HOH B .  ? 0.1728 0.2833 0.1071 0.0485  -0.0117 0.0314  143 HOH A O     
317 O O     . HOH B .  ? 0.1288 0.1322 0.6458 -0.0096 0.1311  0.0473  144 HOH A O     
318 O O     . HOH B .  ? 0.2063 0.2109 0.5994 -0.1331 0.1346  -0.0321 145 HOH A O     
319 O O     . HOH B .  ? 0.3980 0.1944 0.3920 0.0326  -0.1005 0.0329  146 HOH A O     
320 O O     . HOH B .  ? 0.2113 0.3135 0.1955 -0.1541 -0.0268 0.1279  147 HOH A O     
321 O O     . HOH B .  ? 0.1158 0.4537 0.0952 -0.0460 0.0202  -0.0558 148 HOH A O     
322 O O     . HOH B .  ? 0.1838 0.2357 0.2500 -0.0176 0.1078  0.0007  149 HOH A O     
323 O O     . HOH B .  ? 0.3163 0.1881 0.2322 -0.0412 0.0509  -0.0752 150 HOH A O     
324 O O     . HOH B .  ? 0.4679 0.4603 0.2621 -0.1580 -0.0238 -0.1198 151 HOH A O     
325 O O     . HOH B .  ? 0.2960 0.3807 0.2030 0.0046  0.0599  0.0148  152 HOH A O     
326 O O     . HOH B .  ? 0.4272 0.5433 0.1570 -0.2385 -0.0151 0.1281  153 HOH A O     
327 O O     . HOH B .  ? 0.1897 0.3574 0.5584 -0.1463 -0.1798 0.3593  154 HOH A O     
328 O O     . HOH B .  ? 0.1256 0.2729 0.3065 0.0143  0.0618  -0.0484 155 HOH A O     
329 O O     . HOH B .  ? 0.1106 0.1702 0.1414 0.0055  0.0086  -0.0189 156 HOH A O     
330 O O     . HOH B .  ? 0.2495 0.3379 0.2681 -0.0244 0.0380  -0.0005 157 HOH A O     
331 O O     . HOH B .  ? 0.5460 0.3022 0.1744 -0.2920 0.1303  -0.0570 158 HOH A O     
332 O O     . HOH B .  ? 0.2407 0.1490 0.1834 -0.0501 0.0349  -0.0046 159 HOH A O     
333 O O     . HOH B .  ? 0.1170 0.2562 0.1722 -0.0101 0.0059  0.0918  160 HOH A O     
334 O O     . HOH B .  ? 0.2963 0.4934 0.1958 0.1348  0.1052  0.0977  161 HOH A O     
335 O O     . HOH B .  ? 0.0827 0.2187 0.3803 0.0226  0.0226  0.0312  162 HOH A O     
336 O O     . HOH B .  ? 0.2619 0.2221 0.3494 -0.0508 -0.0934 0.0831  163 HOH A O     
337 O O     . HOH B .  ? 0.1785 0.3382 0.2857 0.0640  0.0664  0.1636  164 HOH A O     
338 O O     . HOH B .  ? 0.3260 0.1919 0.7291 -0.0492 0.0208  -0.1431 165 HOH A O     
339 O O     . HOH B .  ? 0.4553 0.7120 0.4569 -0.1319 0.0403  -0.0296 166 HOH A O     
340 O O     . HOH B .  ? 0.0849 0.5293 0.6866 -0.0719 0.0861  -0.4252 167 HOH A O     
341 O O     . HOH B .  ? 0.3590 0.1059 0.3519 0.0364  -0.0906 0.0027  168 HOH A O     
342 O O     . HOH B .  ? 0.6169 0.3647 0.2044 -0.2344 -0.0192 -0.0339 169 HOH A O     
343 O O     . HOH B .  ? 0.2499 0.4243 0.1795 0.1469  0.0909  0.1004  170 HOH A O     
344 O O     . HOH B .  ? 0.0742 0.2005 0.0542 -0.0170 0.0072  -0.0113 171 HOH A O     
345 O O     . HOH B .  ? 0.3195 0.3860 0.2178 0.1752  0.0570  -0.0244 172 HOH A O     
346 O O     . HOH B .  ? 0.3913 0.2331 0.5942 0.0274  0.0554  -0.0606 173 HOH A O     
347 O O     . HOH B .  ? 0.5495 0.8415 0.5577 0.0568  -0.0922 -0.1582 174 HOH A O     
348 O O     . HOH B .  ? 0.7005 0.5475 0.4771 0.0118  0.1710  0.2221  175 HOH A O     
349 O O     . HOH B .  ? 0.3998 0.1387 0.1877 -0.0446 -0.0811 0.0276  176 HOH A O     
350 O O     . HOH B .  ? 0.4585 0.3586 0.1461 -0.3054 -0.1531 0.1150  177 HOH A O     
351 O O     . HOH B .  ? 0.1422 0.3577 0.2145 -0.0820 -0.0432 0.0325  178 HOH A O     
352 O O     . HOH B .  ? 0.1656 0.2018 0.2291 -0.0077 -0.0071 -0.0587 179 HOH A O     
353 O O     . HOH B .  ? 0.3403 0.6572 0.4149 0.0586  0.0914  0.1722  180 HOH A O     
# 
